data_9NBS
#
_entry.id   9NBS
#
_cell.length_a   52.047
_cell.length_b   58.075
_cell.length_c   61.646
_cell.angle_alpha   70.00
_cell.angle_beta   66.51
_cell.angle_gamma   68.09
#
_symmetry.space_group_name_H-M   'P 1'
#
loop_
_entity.id
_entity.type
_entity.pdbx_description
1 polymer 'Mitogen-activated protein kinase kinase kinase kinase 1'
2 non-polymer '2-(N-MORPHOLINO)-ETHANESULFONIC ACID'
3 non-polymer 1,2-ETHANEDIOL
4 non-polymer "(1R,3S,5'P)-4'-chloro-3-methyl-5'-[(3M)-3-(1-methyl-2-oxo-1,2-dihydropyridin-3-yl)phenyl]-1',2'-dihydrospiro[cyclopentane-1,3'-pyrrolo[2,3-b]pyridine]-3-carboxamide"
5 non-polymer 'SODIUM ION'
6 water water
#
_entity_poly.entity_id   1
_entity_poly.type   'polypeptide(L)'
_entity_poly.pdbx_seq_one_letter_code
;MHHHHHHGENLYFQGSDVVDPDIFNRDPRDHYDLLQRLGGGTYGEVFKARDKVSGDLVALKMVKMEPDDDVSTLQKEILI
LKTCRHANIVAYHGSYLWLQKLWICMEFCGAGSLQDIYQVTGSLSELQISYVCREVLQGLAYLHSQKKIHRDIKGANILI
NDAGEVRLADFGISAQIGAELARRLEFIGTPYWMAPEVAAVALKGGYNELCDIWSLGITAIELAELQPPLFDVHPLRVLF
LMTKSGYQPPRLKEKGKWSAAFHNFIKVTLTKSPKKRPSATKMLSHQLVSQPGLNRGLILDLLDKLKNGNS
;
_entity_poly.pdbx_strand_id   A,B
#
loop_
_chem_comp.id
_chem_comp.type
_chem_comp.name
_chem_comp.formula
A1BW4 non-polymer (1R,3S,5'P)-4'-chloro-3-methyl-5'-[(3M)-3-(1-methyl-2-oxo-1,2-dihydropyridin-3-yl)phenyl]-1',2'-dihydrospiro[cyclopentane-1,3'-pyrrolo[2,3-b]pyridine]-3-carboxamide 'C25 H25 Cl N4 O2'
EDO non-polymer 1,2-ETHANEDIOL 'C2 H6 O2'
MES non-polymer '2-(N-MORPHOLINO)-ETHANESULFONIC ACID' 'C6 H13 N O4 S'
NA non-polymer 'SODIUM ION' 'Na 1'
#
# COMPACT_ATOMS: atom_id res chain seq x y z
N VAL A 18 -6.64 -16.67 17.13
CA VAL A 18 -7.59 -17.59 16.53
C VAL A 18 -7.76 -17.24 15.05
N VAL A 19 -7.83 -18.27 14.21
CA VAL A 19 -7.91 -18.02 12.77
C VAL A 19 -9.36 -17.77 12.33
N ASP A 20 -10.33 -18.31 13.06
CA ASP A 20 -11.74 -18.03 12.79
C ASP A 20 -12.60 -18.62 13.88
N PRO A 21 -13.67 -17.93 14.30
CA PRO A 21 -14.44 -18.42 15.46
C PRO A 21 -15.26 -19.66 15.18
N ASP A 22 -15.51 -20.01 13.92
CA ASP A 22 -16.44 -21.08 13.58
C ASP A 22 -15.74 -22.35 13.09
N ILE A 23 -14.41 -22.39 13.14
CA ILE A 23 -13.71 -23.58 12.68
C ILE A 23 -14.19 -24.79 13.46
N PHE A 24 -14.33 -25.92 12.75
CA PHE A 24 -14.62 -27.19 13.41
C PHE A 24 -13.34 -27.77 13.99
N ASN A 25 -13.33 -28.00 15.30
CA ASN A 25 -12.17 -28.60 15.97
C ASN A 25 -12.29 -30.13 15.92
N ARG A 26 -12.10 -30.65 14.72
CA ARG A 26 -12.35 -32.07 14.46
C ARG A 26 -11.53 -32.52 13.27
N ASP A 27 -11.18 -33.80 13.29
CA ASP A 27 -10.50 -34.45 12.19
C ASP A 27 -11.44 -34.52 10.98
N PRO A 28 -11.10 -33.90 9.84
CA PRO A 28 -11.99 -34.00 8.67
C PRO A 28 -12.16 -35.41 8.16
N ARG A 29 -11.18 -36.30 8.39
CA ARG A 29 -11.30 -37.68 7.97
C ARG A 29 -12.32 -38.46 8.76
N ASP A 30 -12.88 -37.89 9.83
CA ASP A 30 -14.06 -38.49 10.45
C ASP A 30 -15.30 -38.32 9.60
N HIS A 31 -15.29 -37.36 8.65
CA HIS A 31 -16.44 -37.09 7.81
C HIS A 31 -16.20 -37.40 6.33
N TYR A 32 -14.95 -37.47 5.89
CA TYR A 32 -14.61 -37.56 4.48
C TYR A 32 -13.54 -38.60 4.26
N ASP A 33 -13.61 -39.27 3.11
CA ASP A 33 -12.55 -40.13 2.62
C ASP A 33 -11.78 -39.39 1.54
N LEU A 34 -10.46 -39.29 1.70
CA LEU A 34 -9.61 -38.64 0.71
C LEU A 34 -9.41 -39.57 -0.47
N LEU A 35 -9.58 -39.04 -1.68
CA LEU A 35 -9.58 -39.87 -2.88
C LEU A 35 -8.43 -39.60 -3.83
N GLN A 36 -8.09 -38.33 -4.08
CA GLN A 36 -7.15 -37.98 -5.13
C GLN A 36 -6.64 -36.57 -4.92
N ARG A 37 -5.35 -36.36 -5.19
N ARG A 37 -5.35 -36.36 -5.20
CA ARG A 37 -4.79 -35.01 -5.15
CA ARG A 37 -4.78 -35.03 -5.17
C ARG A 37 -5.19 -34.23 -6.40
C ARG A 37 -5.19 -34.23 -6.40
N LEU A 38 -5.55 -32.97 -6.20
CA LEU A 38 -6.04 -32.11 -7.26
C LEU A 38 -5.09 -30.96 -7.50
N GLY A 39 -5.08 -30.46 -8.72
CA GLY A 39 -4.42 -29.21 -9.04
C GLY A 39 -2.93 -29.31 -9.31
N GLY A 40 -2.35 -30.50 -9.19
CA GLY A 40 -0.93 -30.64 -9.44
C GLY A 40 -0.05 -29.85 -8.50
N GLY A 41 -0.60 -29.36 -7.39
CA GLY A 41 0.14 -28.53 -6.45
C GLY A 41 0.07 -27.05 -6.74
N THR A 42 -0.56 -26.66 -7.85
CA THR A 42 -0.64 -25.24 -8.19
C THR A 42 -1.40 -24.45 -7.14
N TYR A 43 -2.33 -25.10 -6.45
CA TYR A 43 -3.19 -24.46 -5.45
C TYR A 43 -2.89 -24.96 -4.04
N GLY A 44 -1.72 -25.54 -3.82
CA GLY A 44 -1.41 -26.14 -2.54
C GLY A 44 -1.80 -27.61 -2.50
N GLU A 45 -1.98 -28.10 -1.28
CA GLU A 45 -2.37 -29.49 -1.04
C GLU A 45 -3.89 -29.55 -1.08
N VAL A 46 -4.44 -30.05 -2.17
CA VAL A 46 -5.88 -30.13 -2.38
C VAL A 46 -6.24 -31.58 -2.68
N PHE A 47 -7.30 -32.06 -2.05
CA PHE A 47 -7.76 -33.43 -2.21
C PHE A 47 -9.21 -33.47 -2.62
N LYS A 48 -9.51 -34.24 -3.67
CA LYS A 48 -10.87 -34.72 -3.87
C LYS A 48 -11.23 -35.62 -2.69
N ALA A 49 -12.44 -35.45 -2.15
CA ALA A 49 -12.87 -36.24 -1.02
C ALA A 49 -14.36 -36.52 -1.13
N ARG A 50 -14.79 -37.57 -0.44
CA ARG A 50 -16.18 -38.02 -0.51
C ARG A 50 -16.79 -38.03 0.89
N ASP A 51 -17.95 -37.38 1.02
CA ASP A 51 -18.66 -37.35 2.28
C ASP A 51 -19.09 -38.77 2.65
N LYS A 52 -18.69 -39.20 3.85
CA LYS A 52 -18.97 -40.58 4.27
C LYS A 52 -20.47 -40.83 4.41
N VAL A 53 -21.24 -39.79 4.73
CA VAL A 53 -22.67 -39.94 4.96
C VAL A 53 -23.40 -39.80 3.63
N SER A 54 -23.33 -38.62 3.02
CA SER A 54 -24.12 -38.32 1.83
C SER A 54 -23.50 -38.88 0.56
N GLY A 55 -22.20 -39.11 0.53
CA GLY A 55 -21.52 -39.53 -0.67
C GLY A 55 -21.17 -38.40 -1.62
N ASP A 56 -21.57 -37.17 -1.30
CA ASP A 56 -21.23 -36.04 -2.15
C ASP A 56 -19.72 -35.88 -2.21
N LEU A 57 -19.24 -35.31 -3.31
CA LEU A 57 -17.83 -35.01 -3.45
C LEU A 57 -17.55 -33.57 -3.02
N VAL A 58 -16.37 -33.38 -2.44
CA VAL A 58 -15.90 -32.08 -2.03
C VAL A 58 -14.42 -31.99 -2.38
N ALA A 59 -13.89 -30.78 -2.31
CA ALA A 59 -12.46 -30.53 -2.39
C ALA A 59 -12.01 -30.03 -1.02
N LEU A 60 -10.96 -30.64 -0.49
CA LEU A 60 -10.38 -30.26 0.79
C LEU A 60 -9.00 -29.70 0.54
N LYS A 61 -8.80 -28.44 0.90
CA LYS A 61 -7.48 -27.82 0.84
C LYS A 61 -6.89 -27.82 2.24
N MET A 62 -5.68 -28.34 2.37
N MET A 62 -5.66 -28.32 2.35
CA MET A 62 -5.00 -28.47 3.65
CA MET A 62 -4.97 -28.48 3.63
C MET A 62 -3.87 -27.45 3.73
C MET A 62 -3.85 -27.47 3.74
N VAL A 63 -3.84 -26.70 4.82
CA VAL A 63 -2.82 -25.69 5.07
C VAL A 63 -2.26 -25.93 6.47
N LYS A 64 -0.94 -25.80 6.60
CA LYS A 64 -0.32 -25.89 7.91
C LYS A 64 -0.75 -24.72 8.77
N MET A 65 -0.95 -24.98 10.06
CA MET A 65 -1.41 -23.94 10.99
C MET A 65 -0.80 -24.29 12.35
N GLU A 66 0.50 -23.94 12.52
CA GLU A 66 1.21 -24.23 13.75
C GLU A 66 1.09 -23.08 14.73
N PRO A 67 1.19 -23.37 16.03
CA PRO A 67 0.71 -22.41 17.04
C PRO A 67 1.28 -21.01 16.92
N ASP A 68 2.52 -20.85 16.47
CA ASP A 68 3.15 -19.53 16.38
C ASP A 68 3.03 -18.89 15.01
N ASP A 69 2.61 -19.63 13.98
CA ASP A 69 2.47 -19.07 12.65
C ASP A 69 1.62 -17.81 12.68
N ASP A 70 1.84 -16.93 11.71
CA ASP A 70 0.98 -15.77 11.52
C ASP A 70 -0.25 -16.23 10.71
N VAL A 71 -1.43 -16.08 11.31
CA VAL A 71 -2.66 -16.61 10.74
C VAL A 71 -3.56 -15.52 10.18
N SER A 72 -3.07 -14.29 10.12
CA SER A 72 -3.93 -13.17 9.73
C SER A 72 -4.50 -13.35 8.34
N THR A 73 -3.67 -13.77 7.37
CA THR A 73 -4.16 -13.90 6.01
C THR A 73 -5.15 -15.05 5.87
N LEU A 74 -4.87 -16.18 6.52
CA LEU A 74 -5.82 -17.29 6.49
C LEU A 74 -7.12 -16.90 7.18
N GLN A 75 -7.03 -16.15 8.28
CA GLN A 75 -8.22 -15.64 8.95
C GLN A 75 -9.08 -14.84 7.98
N LYS A 76 -8.46 -13.95 7.21
CA LYS A 76 -9.22 -13.12 6.29
C LYS A 76 -9.81 -13.95 5.17
N GLU A 77 -9.09 -14.97 4.68
CA GLU A 77 -9.60 -15.78 3.60
C GLU A 77 -10.85 -16.56 4.04
N ILE A 78 -10.83 -17.11 5.25
CA ILE A 78 -11.99 -17.83 5.74
C ILE A 78 -13.17 -16.89 5.95
N LEU A 79 -12.89 -15.67 6.40
CA LEU A 79 -13.94 -14.68 6.57
C LEU A 79 -14.60 -14.33 5.24
N ILE A 80 -13.82 -14.28 4.16
CA ILE A 80 -14.40 -14.08 2.84
C ILE A 80 -15.24 -15.28 2.45
N LEU A 81 -14.69 -16.49 2.60
CA LEU A 81 -15.36 -17.69 2.14
C LEU A 81 -16.71 -17.89 2.81
N LYS A 82 -16.77 -17.68 4.12
CA LYS A 82 -17.99 -18.02 4.84
C LYS A 82 -19.08 -16.97 4.73
N THR A 83 -18.82 -15.84 4.07
CA THR A 83 -19.83 -14.82 3.84
C THR A 83 -20.23 -14.71 2.38
N CYS A 84 -19.73 -15.61 1.52
CA CYS A 84 -20.14 -15.71 0.13
C CYS A 84 -21.09 -16.90 -0.05
N ARG A 85 -22.21 -16.66 -0.71
CA ARG A 85 -23.13 -17.74 -1.06
C ARG A 85 -23.77 -17.36 -2.39
N HIS A 86 -23.13 -17.76 -3.49
CA HIS A 86 -23.59 -17.42 -4.83
C HIS A 86 -23.19 -18.55 -5.77
N ALA A 87 -24.07 -18.87 -6.71
CA ALA A 87 -23.86 -20.02 -7.56
C ALA A 87 -22.51 -19.94 -8.28
N ASN A 88 -22.11 -18.75 -8.73
CA ASN A 88 -20.88 -18.58 -9.48
C ASN A 88 -19.65 -18.36 -8.61
N ILE A 89 -19.77 -18.58 -7.30
CA ILE A 89 -18.63 -18.58 -6.38
C ILE A 89 -18.52 -19.99 -5.82
N VAL A 90 -17.35 -20.61 -5.96
CA VAL A 90 -17.17 -21.96 -5.44
C VAL A 90 -17.63 -21.99 -3.99
N ALA A 91 -18.47 -22.97 -3.66
CA ALA A 91 -19.17 -22.98 -2.37
C ALA A 91 -18.23 -23.38 -1.24
N TYR A 92 -18.44 -22.78 -0.09
CA TYR A 92 -17.69 -23.04 1.13
C TYR A 92 -18.55 -23.83 2.10
N HIS A 93 -17.99 -24.92 2.64
CA HIS A 93 -18.74 -25.83 3.50
C HIS A 93 -18.22 -25.87 4.92
N GLY A 94 -17.18 -25.11 5.25
CA GLY A 94 -16.61 -25.11 6.57
C GLY A 94 -15.13 -25.45 6.55
N SER A 95 -14.52 -25.30 7.71
CA SER A 95 -13.10 -25.52 7.89
C SER A 95 -12.88 -26.35 9.15
N TYR A 96 -11.85 -27.18 9.11
CA TYR A 96 -11.50 -28.10 10.18
C TYR A 96 -10.09 -27.78 10.64
N LEU A 97 -9.91 -27.67 11.95
CA LEU A 97 -8.58 -27.52 12.54
C LEU A 97 -8.29 -28.76 13.37
N TRP A 98 -7.26 -29.50 12.99
CA TRP A 98 -6.93 -30.75 13.68
C TRP A 98 -5.43 -30.97 13.59
N LEU A 99 -4.81 -31.18 14.76
CA LEU A 99 -3.38 -31.45 14.87
C LEU A 99 -2.58 -30.50 13.98
N GLN A 100 -2.92 -29.21 14.11
CA GLN A 100 -2.15 -28.13 13.53
C GLN A 100 -2.17 -28.15 12.00
N LYS A 101 -3.27 -28.65 11.45
CA LYS A 101 -3.56 -28.54 10.03
C LYS A 101 -4.96 -27.98 9.87
N LEU A 102 -5.10 -27.01 8.97
CA LEU A 102 -6.37 -26.37 8.67
C LEU A 102 -6.85 -26.89 7.33
N TRP A 103 -8.05 -27.46 7.31
CA TRP A 103 -8.65 -28.01 6.11
C TRP A 103 -9.85 -27.13 5.75
N ILE A 104 -9.86 -26.63 4.51
CA ILE A 104 -10.96 -25.83 4.00
C ILE A 104 -11.77 -26.72 3.06
N CYS A 105 -13.05 -26.88 3.36
CA CYS A 105 -13.92 -27.80 2.62
C CYS A 105 -14.74 -27.01 1.60
N MET A 106 -14.61 -27.38 0.34
CA MET A 106 -15.14 -26.61 -0.77
C MET A 106 -15.90 -27.49 -1.74
N GLU A 107 -16.79 -26.86 -2.50
CA GLU A 107 -17.40 -27.52 -3.66
C GLU A 107 -16.30 -28.04 -4.59
N PHE A 108 -16.52 -29.24 -5.11
CA PHE A 108 -15.58 -29.87 -6.03
C PHE A 108 -15.96 -29.56 -7.47
N CYS A 109 -15.00 -29.02 -8.23
CA CYS A 109 -15.21 -28.68 -9.64
C CYS A 109 -14.40 -29.65 -10.48
N GLY A 110 -15.07 -30.67 -11.02
CA GLY A 110 -14.40 -31.86 -11.52
C GLY A 110 -13.57 -31.67 -12.77
N ALA A 111 -13.78 -30.58 -13.50
CA ALA A 111 -13.00 -30.33 -14.70
C ALA A 111 -11.81 -29.43 -14.46
N GLY A 112 -11.61 -28.96 -13.23
CA GLY A 112 -10.47 -28.11 -12.93
C GLY A 112 -10.69 -26.68 -13.39
N SER A 113 -9.58 -25.97 -13.63
CA SER A 113 -9.68 -24.58 -14.05
C SER A 113 -9.72 -24.49 -15.58
N LEU A 114 -10.09 -23.31 -16.07
CA LEU A 114 -10.09 -23.10 -17.51
C LEU A 114 -8.68 -23.20 -18.08
N GLN A 115 -7.66 -22.84 -17.29
CA GLN A 115 -6.29 -23.02 -17.75
C GLN A 115 -5.95 -24.50 -17.93
N ASP A 116 -6.36 -25.34 -16.98
CA ASP A 116 -6.17 -26.78 -17.15
C ASP A 116 -6.81 -27.25 -18.45
N ILE A 117 -7.95 -26.66 -18.80
CA ILE A 117 -8.72 -27.13 -19.95
C ILE A 117 -8.11 -26.61 -21.25
N TYR A 118 -7.87 -25.30 -21.37
CA TYR A 118 -7.42 -24.79 -22.65
C TYR A 118 -5.98 -25.22 -22.97
N GLN A 119 -5.21 -25.61 -21.96
CA GLN A 119 -3.90 -26.17 -22.25
C GLN A 119 -4.00 -27.46 -23.04
N VAL A 120 -5.13 -28.14 -22.98
CA VAL A 120 -5.37 -29.35 -23.76
C VAL A 120 -6.15 -29.04 -25.03
N THR A 121 -7.22 -28.26 -24.91
CA THR A 121 -8.15 -28.09 -26.01
C THR A 121 -7.73 -27.02 -27.01
N GLY A 122 -6.88 -26.09 -26.60
CA GLY A 122 -6.67 -24.92 -27.41
C GLY A 122 -7.72 -23.87 -27.13
N SER A 123 -7.68 -22.82 -27.94
CA SER A 123 -8.45 -21.62 -27.66
C SER A 123 -9.95 -21.93 -27.62
N LEU A 124 -10.65 -21.27 -26.71
CA LEU A 124 -12.09 -21.42 -26.60
C LEU A 124 -12.78 -20.72 -27.77
N SER A 125 -14.02 -21.14 -28.05
CA SER A 125 -14.80 -20.43 -29.03
C SER A 125 -15.31 -19.11 -28.46
N GLU A 126 -15.71 -18.21 -29.35
CA GLU A 126 -16.23 -16.92 -28.88
C GLU A 126 -17.47 -17.12 -28.02
N LEU A 127 -18.36 -18.04 -28.41
CA LEU A 127 -19.54 -18.31 -27.60
C LEU A 127 -19.15 -18.87 -26.24
N GLN A 128 -18.17 -19.77 -26.21
CA GLN A 128 -17.73 -20.33 -24.94
C GLN A 128 -17.17 -19.24 -24.04
N ILE A 129 -16.34 -18.35 -24.59
CA ILE A 129 -15.81 -17.22 -23.83
C ILE A 129 -16.93 -16.31 -23.36
N SER A 130 -17.96 -16.13 -24.18
CA SER A 130 -19.06 -15.25 -23.82
C SER A 130 -19.82 -15.79 -22.62
N TYR A 131 -20.11 -17.08 -22.64
CA TYR A 131 -20.75 -17.72 -21.49
C TYR A 131 -19.88 -17.59 -20.24
N VAL A 132 -18.59 -17.94 -20.34
CA VAL A 132 -17.70 -17.82 -19.19
C VAL A 132 -17.74 -16.39 -18.64
N CYS A 133 -17.61 -15.41 -19.52
CA CYS A 133 -17.57 -14.02 -19.06
C CYS A 133 -18.88 -13.63 -18.36
N ARG A 134 -20.02 -14.07 -18.90
CA ARG A 134 -21.29 -13.74 -18.24
C ARG A 134 -21.33 -14.31 -16.84
N GLU A 135 -20.95 -15.58 -16.69
CA GLU A 135 -21.01 -16.24 -15.39
C GLU A 135 -20.06 -15.58 -14.40
N VAL A 136 -18.84 -15.24 -14.85
CA VAL A 136 -17.90 -14.56 -13.96
C VAL A 136 -18.45 -13.19 -13.54
N LEU A 137 -19.03 -12.47 -14.49
CA LEU A 137 -19.60 -11.15 -14.17
C LEU A 137 -20.72 -11.27 -13.15
N GLN A 138 -21.49 -12.36 -13.20
CA GLN A 138 -22.53 -12.57 -12.19
C GLN A 138 -21.92 -12.76 -10.81
N GLY A 139 -20.83 -13.54 -10.75
CA GLY A 139 -20.11 -13.66 -9.49
C GLY A 139 -19.50 -12.35 -9.03
N LEU A 140 -18.95 -11.58 -9.96
CA LEU A 140 -18.32 -10.31 -9.60
C LEU A 140 -19.36 -9.29 -9.12
N ALA A 141 -20.48 -9.19 -9.83
CA ALA A 141 -21.53 -8.28 -9.39
C ALA A 141 -21.92 -8.59 -7.95
N TYR A 142 -22.04 -9.88 -7.62
CA TYR A 142 -22.38 -10.27 -6.26
C TYR A 142 -21.29 -9.85 -5.29
N LEU A 143 -20.04 -10.24 -5.58
CA LEU A 143 -18.93 -9.88 -4.70
C LEU A 143 -18.86 -8.38 -4.49
N HIS A 144 -19.00 -7.60 -5.57
CA HIS A 144 -18.91 -6.15 -5.46
C HIS A 144 -20.08 -5.58 -4.67
N SER A 145 -21.24 -6.21 -4.72
CA SER A 145 -22.38 -5.75 -3.92
C SER A 145 -22.11 -5.93 -2.43
N GLN A 146 -21.13 -6.77 -2.07
CA GLN A 146 -20.69 -6.94 -0.70
C GLN A 146 -19.47 -6.09 -0.35
N LYS A 147 -19.03 -5.23 -1.27
CA LYS A 147 -17.79 -4.46 -1.12
C LYS A 147 -16.60 -5.40 -0.97
N LYS A 148 -16.63 -6.53 -1.67
CA LYS A 148 -15.51 -7.44 -1.78
C LYS A 148 -14.86 -7.27 -3.15
N ILE A 149 -13.55 -7.51 -3.21
CA ILE A 149 -12.79 -7.47 -4.45
C ILE A 149 -12.05 -8.80 -4.57
N HIS A 150 -12.14 -9.42 -5.75
CA HIS A 150 -11.42 -10.67 -5.94
C HIS A 150 -9.92 -10.42 -6.14
N ARG A 151 -9.59 -9.53 -7.07
N ARG A 151 -9.58 -9.53 -7.07
CA ARG A 151 -8.24 -9.04 -7.34
CA ARG A 151 -8.24 -9.04 -7.34
C ARG A 151 -7.33 -10.07 -7.99
C ARG A 151 -7.33 -10.06 -8.01
N ASP A 152 -7.82 -11.26 -8.34
CA ASP A 152 -6.99 -12.27 -8.99
C ASP A 152 -7.79 -13.02 -10.03
N ILE A 153 -8.61 -12.31 -10.81
CA ILE A 153 -9.36 -12.96 -11.87
C ILE A 153 -8.41 -13.37 -12.98
N LYS A 154 -8.47 -14.65 -13.35
CA LYS A 154 -7.62 -15.22 -14.39
C LYS A 154 -8.14 -16.64 -14.66
N GLY A 155 -7.69 -17.21 -15.78
CA GLY A 155 -8.17 -18.52 -16.17
C GLY A 155 -7.95 -19.57 -15.10
N ALA A 156 -6.83 -19.48 -14.39
CA ALA A 156 -6.51 -20.46 -13.37
C ALA A 156 -7.48 -20.43 -12.20
N ASN A 157 -8.19 -19.31 -12.01
CA ASN A 157 -9.08 -19.16 -10.87
C ASN A 157 -10.55 -19.17 -11.27
N ILE A 158 -10.86 -19.62 -12.46
CA ILE A 158 -12.23 -19.87 -12.90
C ILE A 158 -12.35 -21.37 -13.07
N LEU A 159 -13.13 -22.01 -12.21
CA LEU A 159 -13.22 -23.46 -12.18
C LEU A 159 -14.49 -23.92 -12.89
N ILE A 160 -14.43 -25.14 -13.42
CA ILE A 160 -15.52 -25.72 -14.20
C ILE A 160 -15.87 -27.06 -13.57
N ASN A 161 -17.16 -27.27 -13.30
CA ASN A 161 -17.58 -28.56 -12.77
C ASN A 161 -18.04 -29.46 -13.91
N ASP A 162 -18.40 -30.70 -13.55
CA ASP A 162 -18.73 -31.71 -14.54
C ASP A 162 -20.01 -31.37 -15.31
N ALA A 163 -20.81 -30.45 -14.79
CA ALA A 163 -22.02 -30.00 -15.48
C ALA A 163 -21.75 -28.83 -16.43
N GLY A 164 -20.50 -28.37 -16.53
CA GLY A 164 -20.19 -27.23 -17.37
C GLY A 164 -20.45 -25.88 -16.73
N GLU A 165 -20.68 -25.85 -15.43
CA GLU A 165 -20.95 -24.60 -14.72
C GLU A 165 -19.64 -23.95 -14.29
N VAL A 166 -19.72 -22.64 -14.05
CA VAL A 166 -18.57 -21.77 -13.89
C VAL A 166 -18.55 -21.24 -12.46
N ARG A 167 -17.41 -21.38 -11.79
CA ARG A 167 -17.25 -20.99 -10.40
C ARG A 167 -15.97 -20.17 -10.24
N LEU A 168 -16.08 -18.96 -9.68
CA LEU A 168 -14.90 -18.22 -9.29
C LEU A 168 -14.30 -18.83 -8.03
N ALA A 169 -12.97 -18.83 -7.94
CA ALA A 169 -12.29 -19.49 -6.82
C ALA A 169 -11.02 -18.74 -6.44
N ASP A 170 -10.50 -19.11 -5.27
CA ASP A 170 -9.21 -18.69 -4.73
C ASP A 170 -9.17 -17.22 -4.35
N PHE A 171 -9.62 -16.94 -3.13
CA PHE A 171 -9.54 -15.61 -2.56
C PHE A 171 -8.25 -15.38 -1.78
N GLY A 172 -7.19 -16.15 -2.10
CA GLY A 172 -5.94 -15.99 -1.37
C GLY A 172 -5.35 -14.60 -1.50
N ILE A 173 -5.37 -14.05 -2.72
CA ILE A 173 -4.83 -12.72 -2.95
C ILE A 173 -5.71 -11.68 -2.27
N SER A 174 -7.02 -11.76 -2.46
CA SER A 174 -7.93 -10.86 -1.74
C SER A 174 -7.67 -10.91 -0.24
N ALA A 175 -7.44 -12.11 0.30
CA ALA A 175 -7.16 -12.23 1.73
C ALA A 175 -5.85 -11.56 2.10
N GLN A 176 -4.80 -11.79 1.30
CA GLN A 176 -3.51 -11.17 1.56
C GLN A 176 -3.63 -9.66 1.57
N ILE A 177 -4.39 -9.10 0.62
CA ILE A 177 -4.54 -7.66 0.54
C ILE A 177 -5.31 -7.15 1.75
N GLY A 178 -6.41 -7.82 2.10
CA GLY A 178 -7.17 -7.39 3.26
C GLY A 178 -6.37 -7.47 4.55
N ALA A 179 -5.55 -8.52 4.69
CA ALA A 179 -4.70 -8.62 5.86
C ALA A 179 -3.65 -7.53 5.89
N GLU A 180 -3.09 -7.20 4.72
CA GLU A 180 -2.11 -6.12 4.66
C GLU A 180 -2.73 -4.78 5.05
N LEU A 181 -3.94 -4.49 4.54
CA LEU A 181 -4.61 -3.26 4.92
C LEU A 181 -4.82 -3.17 6.42
N ALA A 182 -5.30 -4.26 7.03
CA ALA A 182 -5.51 -4.27 8.47
C ALA A 182 -4.23 -3.98 9.23
N ARG A 183 -3.11 -4.57 8.81
CA ARG A 183 -1.85 -4.35 9.49
C ARG A 183 -1.37 -2.91 9.33
N ARG A 184 -1.47 -2.36 8.13
CA ARG A 184 -1.04 -0.97 7.94
C ARG A 184 -1.91 -0.02 8.75
N LEU A 185 -3.21 -0.28 8.81
CA LEU A 185 -4.09 0.50 9.68
C LEU A 185 -3.65 0.40 11.13
N GLU A 186 -3.33 -0.81 11.58
CA GLU A 186 -2.91 -1.01 12.96
C GLU A 186 -1.70 -0.14 13.32
N PHE A 187 -0.78 0.03 12.38
CA PHE A 187 0.46 0.77 12.63
C PHE A 187 0.52 2.11 11.89
N ILE A 188 -0.63 2.65 11.48
CA ILE A 188 -0.58 3.90 10.70
C ILE A 188 -0.04 5.05 11.53
N GLY A 189 -0.26 5.02 12.85
CA GLY A 189 0.21 6.07 13.73
C GLY A 189 -0.70 7.27 13.77
N THR A 190 -0.26 8.28 14.50
CA THR A 190 -1.10 9.47 14.69
C THR A 190 -1.39 10.13 13.34
N PRO A 191 -2.64 10.50 13.07
CA PRO A 191 -3.02 10.94 11.71
C PRO A 191 -3.12 12.45 11.49
N TYR A 192 -2.87 13.27 12.50
CA TYR A 192 -3.30 14.67 12.42
C TYR A 192 -2.55 15.46 11.35
N TRP A 193 -1.33 15.05 10.97
CA TRP A 193 -0.54 15.74 9.96
C TRP A 193 -0.62 15.06 8.59
N MET A 194 -1.37 13.99 8.48
CA MET A 194 -1.37 13.15 7.29
C MET A 194 -2.32 13.71 6.24
N ALA A 195 -1.85 13.73 4.99
CA ALA A 195 -2.67 14.20 3.89
C ALA A 195 -3.83 13.22 3.64
N PRO A 196 -4.97 13.72 3.16
CA PRO A 196 -6.12 12.83 2.98
C PRO A 196 -5.86 11.67 2.03
N GLU A 197 -5.09 11.89 0.96
CA GLU A 197 -4.82 10.81 0.02
C GLU A 197 -3.95 9.73 0.66
N VAL A 198 -3.09 10.10 1.63
CA VAL A 198 -2.31 9.10 2.33
C VAL A 198 -3.22 8.26 3.23
N ALA A 199 -4.13 8.92 3.94
CA ALA A 199 -5.09 8.18 4.76
C ALA A 199 -5.95 7.27 3.90
N ALA A 200 -6.43 7.79 2.75
CA ALA A 200 -7.31 7.00 1.89
C ALA A 200 -6.62 5.72 1.42
N VAL A 201 -5.36 5.82 0.99
CA VAL A 201 -4.64 4.63 0.57
C VAL A 201 -4.48 3.65 1.74
N ALA A 202 -4.28 4.20 2.94
CA ALA A 202 -4.10 3.34 4.12
C ALA A 202 -5.38 2.62 4.50
N LEU A 203 -6.53 3.26 4.32
CA LEU A 203 -7.80 2.65 4.69
C LEU A 203 -8.46 1.89 3.55
N LYS A 204 -8.16 2.24 2.29
CA LYS A 204 -8.91 1.70 1.16
C LYS A 204 -8.05 1.06 0.07
N GLY A 205 -6.73 1.29 0.03
CA GLY A 205 -5.82 0.51 -0.77
C GLY A 205 -5.31 1.18 -2.05
N GLY A 206 -5.94 2.25 -2.50
CA GLY A 206 -5.50 2.93 -3.69
C GLY A 206 -6.22 2.57 -4.97
N TYR A 207 -7.12 1.58 -4.93
CA TYR A 207 -7.94 1.23 -6.08
C TYR A 207 -9.24 0.63 -5.58
N ASN A 208 -10.12 0.24 -6.52
CA ASN A 208 -11.44 -0.26 -6.15
C ASN A 208 -11.76 -1.51 -6.97
N GLU A 209 -13.03 -1.95 -6.87
CA GLU A 209 -13.45 -3.23 -7.43
C GLU A 209 -13.41 -3.26 -8.94
N LEU A 210 -13.35 -2.10 -9.60
CA LEU A 210 -13.29 -2.09 -11.06
C LEU A 210 -12.00 -2.70 -11.59
N CYS A 211 -11.00 -2.96 -10.73
CA CYS A 211 -9.84 -3.69 -11.19
C CYS A 211 -10.22 -5.09 -11.64
N ASP A 212 -11.28 -5.67 -11.06
CA ASP A 212 -11.72 -7.01 -11.46
C ASP A 212 -12.27 -7.02 -12.89
N ILE A 213 -12.88 -5.91 -13.32
CA ILE A 213 -13.42 -5.84 -14.67
C ILE A 213 -12.29 -5.84 -15.68
N TRP A 214 -11.22 -5.09 -15.41
CA TRP A 214 -10.04 -5.15 -16.26
C TRP A 214 -9.49 -6.57 -16.34
N SER A 215 -9.32 -7.21 -15.18
CA SER A 215 -8.75 -8.55 -15.16
C SER A 215 -9.60 -9.52 -15.96
N LEU A 216 -10.92 -9.34 -15.95
CA LEU A 216 -11.80 -10.20 -16.76
C LEU A 216 -11.56 -9.97 -18.25
N GLY A 217 -11.32 -8.72 -18.65
CA GLY A 217 -10.95 -8.46 -20.03
C GLY A 217 -9.67 -9.18 -20.42
N ILE A 218 -8.66 -9.14 -19.56
CA ILE A 218 -7.43 -9.86 -19.86
C ILE A 218 -7.70 -11.36 -19.91
N THR A 219 -8.55 -11.85 -19.01
CA THR A 219 -8.89 -13.27 -18.99
C THR A 219 -9.56 -13.68 -20.28
N ALA A 220 -10.41 -12.82 -20.84
CA ALA A 220 -11.07 -13.14 -22.10
C ALA A 220 -10.05 -13.28 -23.22
N ILE A 221 -9.02 -12.43 -23.23
CA ILE A 221 -7.95 -12.60 -24.21
C ILE A 221 -7.18 -13.89 -23.94
N GLU A 222 -6.95 -14.20 -22.67
CA GLU A 222 -6.28 -15.44 -22.30
C GLU A 222 -7.01 -16.66 -22.84
N LEU A 223 -8.34 -16.68 -22.72
CA LEU A 223 -9.11 -17.81 -23.21
C LEU A 223 -9.10 -17.86 -24.73
N ALA A 224 -8.97 -16.70 -25.37
CA ALA A 224 -8.95 -16.61 -26.82
C ALA A 224 -7.60 -16.95 -27.41
N GLU A 225 -6.51 -16.67 -26.69
CA GLU A 225 -5.17 -16.76 -27.27
C GLU A 225 -4.21 -17.62 -26.47
N LEU A 226 -4.61 -18.11 -25.31
CA LEU A 226 -3.90 -19.07 -24.47
C LEU A 226 -2.78 -18.41 -23.66
N GLN A 227 -2.61 -17.10 -23.76
CA GLN A 227 -1.66 -16.33 -22.98
C GLN A 227 -2.27 -14.96 -22.75
N PRO A 228 -2.04 -14.35 -21.59
CA PRO A 228 -2.39 -12.94 -21.43
C PRO A 228 -1.47 -12.07 -22.27
N PRO A 229 -1.86 -10.85 -22.58
CA PRO A 229 -0.96 -9.96 -23.32
C PRO A 229 0.36 -9.75 -22.57
N LEU A 230 1.45 -9.66 -23.34
CA LEU A 230 2.79 -9.38 -22.82
C LEU A 230 3.33 -10.51 -21.95
N PHE A 231 2.77 -11.71 -22.10
CA PHE A 231 3.19 -12.85 -21.28
C PHE A 231 4.69 -13.12 -21.41
N ASP A 232 5.29 -12.75 -22.54
CA ASP A 232 6.70 -12.99 -22.77
C ASP A 232 7.57 -11.79 -22.45
N VAL A 233 7.03 -10.81 -21.74
CA VAL A 233 7.78 -9.61 -21.32
C VAL A 233 8.03 -9.71 -19.83
N HIS A 234 9.22 -9.26 -19.41
CA HIS A 234 9.59 -9.35 -18.00
C HIS A 234 8.53 -8.67 -17.13
N PRO A 235 8.12 -9.27 -16.03
CA PRO A 235 7.02 -8.68 -15.24
C PRO A 235 7.29 -7.25 -14.80
N LEU A 236 8.52 -6.95 -14.36
CA LEU A 236 8.81 -5.59 -13.90
C LEU A 236 8.70 -4.59 -15.04
N ARG A 237 9.10 -5.00 -16.25
CA ARG A 237 8.92 -4.15 -17.41
C ARG A 237 7.44 -3.93 -17.69
N VAL A 238 6.63 -4.98 -17.54
CA VAL A 238 5.19 -4.82 -17.77
C VAL A 238 4.60 -3.84 -16.76
N LEU A 239 4.96 -3.99 -15.49
CA LEU A 239 4.46 -3.08 -14.48
C LEU A 239 4.82 -1.64 -14.84
N PHE A 240 6.06 -1.40 -15.25
CA PHE A 240 6.50 -0.06 -15.60
C PHE A 240 5.74 0.48 -16.81
N LEU A 241 5.57 -0.34 -17.85
CA LEU A 241 4.84 0.10 -19.03
C LEU A 241 3.42 0.54 -18.67
N MET A 242 2.78 -0.19 -17.76
CA MET A 242 1.40 0.13 -17.40
C MET A 242 1.28 1.47 -16.68
N THR A 243 2.39 2.01 -16.17
CA THR A 243 2.38 3.29 -15.46
C THR A 243 2.74 4.46 -16.35
N LYS A 244 3.11 4.21 -17.61
CA LYS A 244 3.43 5.30 -18.51
C LYS A 244 2.16 6.00 -18.97
N SER A 245 2.26 7.32 -19.16
CA SER A 245 1.09 8.12 -19.52
C SER A 245 0.46 7.64 -20.83
N GLY A 246 1.27 7.15 -21.76
CA GLY A 246 0.79 6.75 -23.07
C GLY A 246 0.48 5.27 -23.20
N TYR A 247 0.32 4.58 -22.07
CA TYR A 247 0.05 3.16 -22.11
C TYR A 247 -1.25 2.86 -22.85
N GLN A 248 -1.19 1.89 -23.76
CA GLN A 248 -2.33 1.51 -24.60
C GLN A 248 -2.93 0.20 -24.12
N PRO A 249 -4.23 0.13 -23.89
CA PRO A 249 -4.83 -1.15 -23.49
C PRO A 249 -4.58 -2.22 -24.54
N PRO A 250 -4.46 -3.47 -24.11
CA PRO A 250 -4.29 -4.57 -25.08
C PRO A 250 -5.53 -4.79 -25.93
N ARG A 251 -5.33 -5.56 -27.00
CA ARG A 251 -6.36 -5.91 -27.95
C ARG A 251 -6.23 -7.39 -28.32
N LEU A 252 -7.32 -7.94 -28.84
CA LEU A 252 -7.25 -9.26 -29.47
C LEU A 252 -6.41 -9.14 -30.74
N LYS A 253 -5.47 -10.08 -30.92
CA LYS A 253 -4.49 -9.95 -31.99
C LYS A 253 -5.07 -10.30 -33.36
N GLU A 254 -5.88 -11.35 -33.44
CA GLU A 254 -6.39 -11.86 -34.71
C GLU A 254 -7.74 -11.21 -34.97
N LYS A 255 -7.74 -10.12 -35.73
CA LYS A 255 -8.93 -9.28 -35.82
C LYS A 255 -10.10 -10.05 -36.43
N GLY A 256 -9.85 -10.81 -37.50
CA GLY A 256 -10.92 -11.47 -38.23
C GLY A 256 -11.51 -12.69 -37.56
N LYS A 257 -10.82 -13.24 -36.55
CA LYS A 257 -11.33 -14.41 -35.85
C LYS A 257 -12.50 -14.07 -34.93
N TRP A 258 -12.63 -12.83 -34.50
CA TRP A 258 -13.54 -12.45 -33.43
C TRP A 258 -14.51 -11.39 -33.92
N SER A 259 -15.74 -11.45 -33.43
CA SER A 259 -16.77 -10.53 -33.87
C SER A 259 -16.52 -9.13 -33.28
N ALA A 260 -17.18 -8.13 -33.90
CA ALA A 260 -17.07 -6.77 -33.38
C ALA A 260 -17.53 -6.68 -31.93
N ALA A 261 -18.54 -7.48 -31.55
CA ALA A 261 -19.03 -7.44 -30.18
C ALA A 261 -17.93 -7.88 -29.19
N PHE A 262 -17.16 -8.89 -29.55
CA PHE A 262 -16.09 -9.35 -28.69
C PHE A 262 -14.97 -8.30 -28.60
N HIS A 263 -14.57 -7.75 -29.74
CA HIS A 263 -13.60 -6.65 -29.73
C HIS A 263 -14.08 -5.49 -28.86
N ASN A 264 -15.36 -5.15 -28.94
CA ASN A 264 -15.85 -4.04 -28.13
C ASN A 264 -15.88 -4.41 -26.65
N PHE A 265 -16.25 -5.65 -26.33
CA PHE A 265 -16.19 -6.12 -24.96
C PHE A 265 -14.80 -5.96 -24.38
N ILE A 266 -13.77 -6.32 -25.17
CA ILE A 266 -12.40 -6.11 -24.74
C ILE A 266 -12.11 -4.62 -24.60
N LYS A 267 -12.61 -3.81 -25.54
CA LYS A 267 -12.31 -2.38 -25.48
C LYS A 267 -12.85 -1.76 -24.20
N VAL A 268 -14.08 -2.11 -23.80
CA VAL A 268 -14.70 -1.42 -22.66
C VAL A 268 -14.22 -1.98 -21.34
N THR A 269 -14.01 -3.30 -21.23
CA THR A 269 -13.48 -3.84 -20.00
C THR A 269 -12.07 -3.31 -19.75
N LEU A 270 -11.28 -3.17 -20.82
CA LEU A 270 -9.91 -2.64 -20.70
C LEU A 270 -9.85 -1.13 -20.86
N THR A 271 -10.78 -0.43 -20.22
CA THR A 271 -10.70 1.03 -20.10
C THR A 271 -9.68 1.36 -19.04
N LYS A 272 -8.66 2.15 -19.39
CA LYS A 272 -7.53 2.24 -18.47
C LYS A 272 -7.81 3.18 -17.31
N SER A 273 -8.70 4.15 -17.48
CA SER A 273 -9.10 5.00 -16.36
C SER A 273 -10.18 4.29 -15.55
N PRO A 274 -9.96 4.00 -14.27
CA PRO A 274 -10.99 3.28 -13.51
C PRO A 274 -12.27 4.06 -13.33
N LYS A 275 -12.22 5.40 -13.36
CA LYS A 275 -13.44 6.18 -13.23
C LYS A 275 -14.38 5.97 -14.41
N LYS A 276 -13.88 5.51 -15.55
CA LYS A 276 -14.68 5.31 -16.75
C LYS A 276 -14.91 3.84 -17.06
N ARG A 277 -14.38 2.93 -16.26
CA ARG A 277 -14.51 1.51 -16.56
C ARG A 277 -15.89 1.02 -16.10
N PRO A 278 -16.61 0.27 -16.95
CA PRO A 278 -17.95 -0.19 -16.56
C PRO A 278 -17.94 -1.14 -15.38
N SER A 279 -18.98 -1.05 -14.57
CA SER A 279 -19.20 -1.97 -13.46
C SER A 279 -19.60 -3.35 -13.98
N ALA A 280 -19.57 -4.33 -13.07
CA ALA A 280 -19.98 -5.68 -13.43
C ALA A 280 -21.45 -5.71 -13.86
N THR A 281 -22.33 -5.03 -13.12
CA THR A 281 -23.73 -4.98 -13.52
C THR A 281 -23.88 -4.37 -14.92
N LYS A 282 -23.17 -3.28 -15.18
CA LYS A 282 -23.27 -2.65 -16.50
C LYS A 282 -22.76 -3.58 -17.59
N MET A 283 -21.63 -4.25 -17.34
CA MET A 283 -21.09 -5.16 -18.34
C MET A 283 -22.04 -6.30 -18.65
N LEU A 284 -22.88 -6.70 -17.69
CA LEU A 284 -23.82 -7.78 -17.94
C LEU A 284 -24.86 -7.42 -19.00
N SER A 285 -25.02 -6.13 -19.31
CA SER A 285 -25.90 -5.71 -20.38
C SER A 285 -25.20 -5.67 -21.74
N HIS A 286 -23.90 -5.92 -21.79
CA HIS A 286 -23.16 -5.85 -23.04
C HIS A 286 -23.62 -6.94 -24.00
N GLN A 287 -23.63 -6.61 -25.29
CA GLN A 287 -24.11 -7.54 -26.31
C GLN A 287 -23.48 -8.91 -26.18
N LEU A 288 -22.18 -8.97 -25.89
CA LEU A 288 -21.48 -10.25 -25.95
C LEU A 288 -22.01 -11.22 -24.90
N VAL A 289 -22.36 -10.71 -23.72
CA VAL A 289 -22.77 -11.57 -22.61
C VAL A 289 -24.27 -11.58 -22.39
N SER A 290 -25.02 -10.78 -23.13
CA SER A 290 -26.47 -10.79 -23.06
C SER A 290 -27.10 -11.52 -24.24
N GLN A 291 -26.30 -11.99 -25.19
CA GLN A 291 -26.85 -12.64 -26.36
C GLN A 291 -27.48 -13.98 -25.98
N PRO A 292 -28.44 -14.46 -26.79
CA PRO A 292 -29.07 -15.75 -26.51
C PRO A 292 -28.15 -16.92 -26.81
N GLY A 293 -28.49 -18.08 -26.25
CA GLY A 293 -27.77 -19.30 -26.49
C GLY A 293 -26.55 -19.52 -25.62
N LEU A 294 -26.35 -18.71 -24.59
CA LEU A 294 -25.24 -18.90 -23.67
C LEU A 294 -25.70 -19.78 -22.52
N ASN A 295 -25.25 -21.03 -22.51
CA ASN A 295 -25.57 -21.95 -21.43
C ASN A 295 -24.43 -22.95 -21.28
N ARG A 296 -24.55 -23.78 -20.24
CA ARG A 296 -23.48 -24.69 -19.89
C ARG A 296 -23.23 -25.75 -20.94
N GLY A 297 -24.17 -25.97 -21.85
CA GLY A 297 -23.91 -26.86 -22.97
C GLY A 297 -22.67 -26.47 -23.76
N LEU A 298 -22.40 -25.17 -23.85
CA LEU A 298 -21.21 -24.70 -24.55
C LEU A 298 -19.95 -25.25 -23.92
N ILE A 299 -19.91 -25.31 -22.58
CA ILE A 299 -18.73 -25.82 -21.90
C ILE A 299 -18.72 -27.35 -21.90
N LEU A 300 -19.90 -27.99 -21.88
CA LEU A 300 -19.90 -29.44 -22.07
C LEU A 300 -19.30 -29.81 -23.42
N ASP A 301 -19.56 -29.00 -24.46
CA ASP A 301 -18.89 -29.21 -25.73
C ASP A 301 -17.38 -29.13 -25.54
N LEU A 302 -16.91 -28.12 -24.81
CA LEU A 302 -15.48 -27.98 -24.57
C LEU A 302 -14.93 -29.20 -23.84
N LEU A 303 -15.65 -29.70 -22.84
CA LEU A 303 -15.19 -30.88 -22.11
C LEU A 303 -15.23 -32.13 -22.96
N ASP A 304 -16.15 -32.20 -23.93
CA ASP A 304 -16.15 -33.33 -24.86
C ASP A 304 -14.92 -33.29 -25.75
N LYS A 305 -14.55 -32.10 -26.24
CA LYS A 305 -13.31 -31.95 -26.98
C LYS A 305 -12.13 -32.37 -26.12
N LEU A 306 -12.10 -31.91 -24.87
CA LEU A 306 -11.08 -32.36 -23.93
C LEU A 306 -11.00 -33.88 -23.89
N LYS A 307 -12.13 -34.55 -23.91
CA LYS A 307 -12.15 -36.01 -23.78
C LYS A 307 -11.69 -36.73 -25.03
N ASN A 308 -11.81 -36.10 -26.20
CA ASN A 308 -11.32 -36.70 -27.44
C ASN A 308 -9.84 -36.36 -27.62
N VAL B 19 24.89 -3.29 2.37
CA VAL B 19 25.92 -2.93 3.34
C VAL B 19 26.46 -1.54 3.06
N ASP B 20 26.46 -0.70 4.08
CA ASP B 20 27.02 0.65 3.96
C ASP B 20 28.54 0.55 3.80
N PRO B 21 29.10 0.95 2.66
CA PRO B 21 30.54 0.73 2.43
C PRO B 21 31.45 1.64 3.24
N ASP B 22 30.93 2.66 3.92
CA ASP B 22 31.74 3.63 4.63
C ASP B 22 31.68 3.47 6.14
N ILE B 23 31.11 2.37 6.63
CA ILE B 23 31.01 2.17 8.06
C ILE B 23 32.40 2.18 8.69
N PHE B 24 32.53 2.92 9.80
CA PHE B 24 33.75 2.90 10.60
C PHE B 24 33.70 1.69 11.52
N ASN B 25 34.61 0.74 11.31
CA ASN B 25 34.66 -0.48 12.13
C ASN B 25 35.59 -0.24 13.33
N ARG B 26 35.15 0.65 14.21
CA ARG B 26 35.96 1.02 15.36
C ARG B 26 35.04 1.60 16.44
N ASP B 27 35.60 1.72 17.64
CA ASP B 27 34.83 2.13 18.80
C ASP B 27 34.57 3.64 18.73
N PRO B 28 33.32 4.09 18.73
CA PRO B 28 33.08 5.54 18.72
C PRO B 28 33.55 6.21 19.99
N ARG B 29 33.58 5.49 21.11
CA ARG B 29 34.08 6.06 22.36
C ARG B 29 35.55 6.41 22.28
N ASP B 30 36.27 5.88 21.29
CA ASP B 30 37.63 6.33 21.03
C ASP B 30 37.67 7.75 20.47
N HIS B 31 36.57 8.21 19.87
N HIS B 31 36.56 8.22 19.88
CA HIS B 31 36.53 9.51 19.21
CA HIS B 31 36.52 9.50 19.20
C HIS B 31 35.56 10.50 19.83
C HIS B 31 35.53 10.49 19.80
N TYR B 32 34.64 10.05 20.68
CA TYR B 32 33.62 10.92 21.25
C TYR B 32 33.42 10.66 22.73
N ASP B 33 33.22 11.75 23.48
CA ASP B 33 32.73 11.69 24.85
C ASP B 33 31.21 11.87 24.82
N LEU B 34 30.48 10.94 25.41
CA LEU B 34 29.04 11.10 25.57
C LEU B 34 28.74 12.09 26.69
N LEU B 35 27.81 13.00 26.44
CA LEU B 35 27.57 14.11 27.35
C LEU B 35 26.18 14.14 27.95
N GLN B 36 25.14 13.89 27.15
CA GLN B 36 23.78 14.11 27.61
C GLN B 36 22.82 13.38 26.67
N ARG B 37 21.76 12.80 27.23
CA ARG B 37 20.74 12.19 26.42
C ARG B 37 19.82 13.25 25.83
N LEU B 38 19.39 13.03 24.59
CA LEU B 38 18.58 13.98 23.86
C LEU B 38 17.21 13.39 23.60
N GLY B 39 16.24 14.28 23.39
CA GLY B 39 14.92 13.90 22.90
C GLY B 39 14.08 13.07 23.84
N GLY B 40 14.51 12.89 25.09
CA GLY B 40 13.74 12.10 26.04
C GLY B 40 13.56 10.65 25.61
N GLY B 41 14.29 10.21 24.59
CA GLY B 41 14.14 8.88 24.06
C GLY B 41 13.08 8.73 23.00
N THR B 42 12.37 9.80 22.67
CA THR B 42 11.30 9.70 21.67
C THR B 42 11.85 9.40 20.29
N TYR B 43 13.09 9.80 20.00
CA TYR B 43 13.73 9.54 18.72
C TYR B 43 14.68 8.34 18.79
N GLY B 44 14.65 7.57 19.86
CA GLY B 44 15.59 6.50 20.10
C GLY B 44 16.62 6.87 21.15
N GLU B 45 17.71 6.11 21.16
CA GLU B 45 18.81 6.35 22.10
C GLU B 45 19.79 7.33 21.45
N VAL B 46 19.63 8.62 21.76
CA VAL B 46 20.40 9.70 21.16
C VAL B 46 21.16 10.44 22.24
N PHE B 47 22.43 10.74 21.96
CA PHE B 47 23.30 11.40 22.92
C PHE B 47 23.95 12.62 22.28
N LYS B 48 24.03 13.71 23.03
CA LYS B 48 24.95 14.78 22.68
C LYS B 48 26.37 14.29 22.95
N ALA B 49 27.27 14.49 21.98
CA ALA B 49 28.62 14.01 22.11
C ALA B 49 29.59 15.05 21.57
N ARG B 50 30.81 15.04 22.09
CA ARG B 50 31.84 15.97 21.68
C ARG B 50 33.00 15.19 21.06
N ASP B 51 33.29 15.48 19.80
CA ASP B 51 34.46 14.91 19.12
C ASP B 51 35.72 15.17 19.93
N LYS B 52 36.40 14.08 20.32
CA LYS B 52 37.64 14.23 21.08
C LYS B 52 38.73 14.89 20.23
N VAL B 53 38.65 14.77 18.91
CA VAL B 53 39.68 15.34 18.04
C VAL B 53 39.41 16.82 17.80
N SER B 54 38.24 17.13 17.24
CA SER B 54 37.92 18.50 16.84
C SER B 54 37.21 19.30 17.94
N GLY B 55 36.63 18.64 18.93
CA GLY B 55 35.84 19.33 19.93
C GLY B 55 34.46 19.73 19.47
N ASP B 56 34.10 19.44 18.22
CA ASP B 56 32.77 19.77 17.72
C ASP B 56 31.72 18.89 18.39
N LEU B 57 30.53 19.44 18.54
CA LEU B 57 29.42 18.70 19.11
C LEU B 57 28.66 17.97 18.01
N VAL B 58 28.21 16.76 18.32
CA VAL B 58 27.43 15.94 17.41
C VAL B 58 26.32 15.27 18.20
N ALA B 59 25.40 14.65 17.47
CA ALA B 59 24.38 13.79 18.03
C ALA B 59 24.67 12.36 17.57
N LEU B 60 24.74 11.45 18.53
CA LEU B 60 24.98 10.04 18.26
C LEU B 60 23.73 9.25 18.59
N LYS B 61 23.19 8.56 17.60
CA LYS B 61 22.05 7.68 17.77
C LYS B 61 22.54 6.24 17.75
N MET B 62 22.23 5.49 18.80
CA MET B 62 22.66 4.10 18.92
C MET B 62 21.50 3.17 18.58
N VAL B 63 21.77 2.19 17.73
CA VAL B 63 20.80 1.18 17.35
C VAL B 63 21.43 -0.19 17.59
N LYS B 64 20.72 -1.05 18.30
CA LYS B 64 21.19 -2.40 18.53
C LYS B 64 21.20 -3.17 17.22
N MET B 65 22.31 -3.88 16.95
CA MET B 65 22.51 -4.57 15.68
C MET B 65 23.00 -5.99 15.96
N GLU B 66 22.11 -6.84 16.45
CA GLU B 66 22.42 -8.25 16.58
C GLU B 66 22.48 -8.89 15.18
N PRO B 67 23.45 -9.77 14.93
CA PRO B 67 23.60 -10.30 13.56
C PRO B 67 22.38 -11.02 13.05
N ASP B 68 21.40 -11.34 13.89
CA ASP B 68 20.18 -12.01 13.46
C ASP B 68 19.01 -11.05 13.24
N ASP B 69 19.05 -9.85 13.82
CA ASP B 69 17.97 -8.90 13.62
C ASP B 69 17.86 -8.49 12.16
N ASP B 70 16.64 -8.17 11.74
CA ASP B 70 16.42 -7.66 10.39
C ASP B 70 16.76 -6.17 10.37
N VAL B 71 17.70 -5.79 9.51
CA VAL B 71 18.24 -4.44 9.46
C VAL B 71 18.05 -3.80 8.09
N SER B 72 17.22 -4.39 7.23
CA SER B 72 17.01 -3.84 5.90
C SER B 72 16.50 -2.41 5.98
N THR B 73 15.43 -2.17 6.75
CA THR B 73 14.89 -0.83 6.87
C THR B 73 15.93 0.14 7.43
N LEU B 74 16.69 -0.30 8.42
CA LEU B 74 17.80 0.51 8.93
C LEU B 74 18.78 0.83 7.80
N GLN B 75 19.15 -0.17 7.02
CA GLN B 75 20.01 0.07 5.86
C GLN B 75 19.42 1.17 4.98
N LYS B 76 18.10 1.16 4.79
CA LYS B 76 17.47 2.16 3.95
C LYS B 76 17.61 3.55 4.55
N GLU B 77 17.37 3.67 5.86
CA GLU B 77 17.41 4.98 6.50
C GLU B 77 18.80 5.59 6.42
N ILE B 78 19.84 4.79 6.64
CA ILE B 78 21.21 5.29 6.56
C ILE B 78 21.55 5.74 5.14
N LEU B 79 21.00 5.07 4.13
CA LEU B 79 21.24 5.52 2.76
C LEU B 79 20.54 6.84 2.48
N ILE B 80 19.31 7.01 2.98
CA ILE B 80 18.64 8.30 2.86
C ILE B 80 19.47 9.39 3.54
N LEU B 81 20.03 9.08 4.70
CA LEU B 81 20.78 10.06 5.47
C LEU B 81 21.98 10.56 4.69
N LYS B 82 22.84 9.64 4.25
CA LYS B 82 24.11 10.04 3.67
C LYS B 82 23.99 10.54 2.24
N THR B 83 22.82 10.40 1.61
CA THR B 83 22.64 10.88 0.25
C THR B 83 21.89 12.21 0.19
N CYS B 84 21.43 12.72 1.33
CA CYS B 84 20.87 14.07 1.42
C CYS B 84 21.96 15.03 1.88
N ARG B 85 22.19 16.07 1.10
CA ARG B 85 23.19 17.10 1.41
C ARG B 85 22.54 18.45 1.13
N HIS B 86 21.89 19.02 2.15
CA HIS B 86 21.20 20.29 2.00
C HIS B 86 21.15 20.99 3.35
N ALA B 87 21.31 22.32 3.32
CA ALA B 87 21.43 23.08 4.56
C ALA B 87 20.21 22.93 5.46
N ASN B 88 19.05 22.63 4.89
CA ASN B 88 17.82 22.51 5.68
C ASN B 88 17.48 21.06 6.01
N ILE B 89 18.47 20.17 5.95
CA ILE B 89 18.33 18.78 6.34
C ILE B 89 19.49 18.46 7.30
N VAL B 90 19.16 17.94 8.48
CA VAL B 90 20.18 17.68 9.49
C VAL B 90 21.28 16.83 8.87
N ALA B 91 22.54 17.25 9.07
CA ALA B 91 23.66 16.67 8.36
C ALA B 91 24.06 15.32 8.95
N TYR B 92 24.52 14.43 8.07
CA TYR B 92 24.98 13.10 8.43
C TYR B 92 26.49 13.03 8.30
N HIS B 93 27.16 12.47 9.32
CA HIS B 93 28.61 12.43 9.33
C HIS B 93 29.18 11.04 9.12
N GLY B 94 28.47 9.99 9.51
CA GLY B 94 28.95 8.64 9.34
C GLY B 94 28.35 7.72 10.38
N SER B 95 28.78 6.46 10.33
CA SER B 95 28.27 5.42 11.21
C SER B 95 29.43 4.56 11.74
N TYR B 96 29.35 4.22 13.02
CA TYR B 96 30.31 3.33 13.68
C TYR B 96 29.61 2.04 14.05
N LEU B 97 30.24 0.90 13.74
CA LEU B 97 29.78 -0.41 14.17
C LEU B 97 30.74 -0.94 15.22
N TRP B 98 30.21 -1.29 16.39
CA TRP B 98 31.05 -1.81 17.46
C TRP B 98 30.18 -2.57 18.45
N LEU B 99 30.63 -3.77 18.83
CA LEU B 99 29.94 -4.62 19.79
C LEU B 99 28.46 -4.77 19.43
N GLN B 100 28.20 -5.02 18.15
CA GLN B 100 26.84 -5.23 17.66
C GLN B 100 25.94 -4.04 17.98
N LYS B 101 26.51 -2.85 17.92
CA LYS B 101 25.77 -1.60 18.01
C LYS B 101 26.21 -0.67 16.89
N LEU B 102 25.24 -0.03 16.25
CA LEU B 102 25.50 0.95 15.20
C LEU B 102 25.29 2.34 15.79
N TRP B 103 26.33 3.17 15.73
CA TRP B 103 26.29 4.54 16.23
C TRP B 103 26.25 5.49 15.03
N ILE B 104 25.13 6.20 14.89
CA ILE B 104 24.91 7.10 13.76
C ILE B 104 25.23 8.51 14.20
N CYS B 105 26.22 9.13 13.57
CA CYS B 105 26.72 10.44 13.95
C CYS B 105 26.12 11.51 13.04
N MET B 106 25.48 12.51 13.63
CA MET B 106 24.75 13.52 12.88
C MET B 106 25.01 14.90 13.47
N GLU B 107 24.63 15.93 12.72
CA GLU B 107 24.67 17.30 13.22
C GLU B 107 23.87 17.41 14.51
N PHE B 108 24.36 18.23 15.44
CA PHE B 108 23.66 18.51 16.69
C PHE B 108 22.85 19.78 16.54
N CYS B 109 21.55 19.69 16.83
CA CYS B 109 20.65 20.84 16.78
C CYS B 109 20.30 21.18 18.22
N GLY B 110 21.03 22.13 18.80
CA GLY B 110 21.06 22.31 20.24
C GLY B 110 19.76 22.79 20.86
N ALA B 111 18.81 23.27 20.06
CA ALA B 111 17.56 23.76 20.60
C ALA B 111 16.44 22.72 20.54
N GLY B 112 16.73 21.51 20.07
CA GLY B 112 15.70 20.49 19.98
C GLY B 112 14.76 20.79 18.83
N SER B 113 13.54 20.26 18.93
CA SER B 113 12.54 20.45 17.90
C SER B 113 11.71 21.70 18.18
N LEU B 114 10.99 22.15 17.15
CA LEU B 114 10.07 23.25 17.36
C LEU B 114 9.01 22.92 18.42
N GLN B 115 8.64 21.64 18.52
CA GLN B 115 7.70 21.25 19.57
C GLN B 115 8.32 21.45 20.96
N ASP B 116 9.58 21.04 21.14
CA ASP B 116 10.25 21.32 22.40
C ASP B 116 10.24 22.80 22.72
N ILE B 117 10.36 23.64 21.69
CA ILE B 117 10.46 25.09 21.89
C ILE B 117 9.09 25.68 22.20
N TYR B 118 8.09 25.42 21.35
CA TYR B 118 6.80 26.08 21.57
C TYR B 118 6.09 25.56 22.82
N GLN B 119 6.43 24.37 23.29
CA GLN B 119 5.87 23.92 24.57
C GLN B 119 6.31 24.81 25.71
N VAL B 120 7.37 25.59 25.52
CA VAL B 120 7.84 26.55 26.52
C VAL B 120 7.42 27.97 26.15
N THR B 121 7.66 28.37 24.89
CA THR B 121 7.48 29.77 24.51
C THR B 121 6.04 30.14 24.20
N GLY B 122 5.20 29.17 23.89
CA GLY B 122 3.90 29.46 23.32
C GLY B 122 3.97 29.61 21.81
N SER B 123 2.85 30.06 21.25
CA SER B 123 2.71 30.08 19.80
C SER B 123 3.74 31.01 19.16
N LEU B 124 4.20 30.61 17.98
CA LEU B 124 5.14 31.44 17.22
C LEU B 124 4.42 32.61 16.58
N SER B 125 5.18 33.67 16.31
CA SER B 125 4.63 34.78 15.55
C SER B 125 4.47 34.39 14.07
N GLU B 126 3.64 35.16 13.36
CA GLU B 126 3.43 34.86 11.95
C GLU B 126 4.73 34.95 11.16
N LEU B 127 5.57 35.95 11.46
CA LEU B 127 6.85 36.06 10.76
C LEU B 127 7.74 34.86 11.07
N GLN B 128 7.77 34.42 12.33
CA GLN B 128 8.54 33.24 12.68
C GLN B 128 8.04 32.01 11.93
N ILE B 129 6.72 31.84 11.87
CA ILE B 129 6.15 30.70 11.13
C ILE B 129 6.48 30.81 9.64
N SER B 130 6.44 32.03 9.09
CA SER B 130 6.75 32.20 7.68
C SER B 130 8.19 31.80 7.39
N TYR B 131 9.12 32.19 8.26
CA TYR B 131 10.51 31.79 8.11
C TYR B 131 10.66 30.28 8.18
N VAL B 132 10.04 29.65 9.18
CA VAL B 132 10.13 28.19 9.30
C VAL B 132 9.58 27.53 8.03
N CYS B 133 8.43 27.98 7.55
CA CYS B 133 7.84 27.40 6.36
C CYS B 133 8.75 27.53 5.14
N ARG B 134 9.37 28.70 4.97
CA ARG B 134 10.29 28.87 3.84
C ARG B 134 11.42 27.87 3.94
N GLU B 135 12.02 27.76 5.12
CA GLU B 135 13.17 26.88 5.29
C GLU B 135 12.77 25.42 5.08
N VAL B 136 11.62 25.02 5.60
CA VAL B 136 11.15 23.66 5.39
C VAL B 136 10.86 23.42 3.92
N LEU B 137 10.28 24.40 3.23
CA LEU B 137 9.99 24.23 1.81
C LEU B 137 11.27 24.07 1.00
N GLN B 138 12.35 24.76 1.40
CA GLN B 138 13.63 24.58 0.73
C GLN B 138 14.12 23.14 0.88
N GLY B 139 14.07 22.61 2.10
CA GLY B 139 14.45 21.22 2.28
C GLY B 139 13.57 20.26 1.50
N LEU B 140 12.26 20.53 1.48
CA LEU B 140 11.34 19.66 0.76
C LEU B 140 11.58 19.72 -0.75
N ALA B 141 11.81 20.92 -1.29
CA ALA B 141 12.11 21.05 -2.72
C ALA B 141 13.33 20.22 -3.07
N TYR B 142 14.35 20.23 -2.20
CA TYR B 142 15.53 19.41 -2.43
C TYR B 142 15.20 17.93 -2.36
N LEU B 143 14.52 17.51 -1.29
CA LEU B 143 14.16 16.10 -1.15
C LEU B 143 13.35 15.60 -2.33
N HIS B 144 12.33 16.36 -2.73
CA HIS B 144 11.49 15.92 -3.82
C HIS B 144 12.26 15.86 -5.12
N SER B 145 13.24 16.75 -5.30
CA SER B 145 14.12 16.69 -6.46
C SER B 145 15.00 15.45 -6.43
N GLN B 146 15.30 14.95 -5.23
CA GLN B 146 16.02 13.71 -5.05
C GLN B 146 15.12 12.49 -5.12
N LYS B 147 13.83 12.70 -5.47
CA LYS B 147 12.86 11.63 -5.58
C LYS B 147 12.59 10.97 -4.23
N LYS B 148 12.64 11.76 -3.16
CA LYS B 148 12.38 11.29 -1.80
C LYS B 148 11.14 11.98 -1.26
N ILE B 149 10.46 11.29 -0.33
CA ILE B 149 9.32 11.83 0.40
C ILE B 149 9.62 11.67 1.89
N HIS B 150 9.47 12.75 2.65
CA HIS B 150 9.68 12.68 4.09
C HIS B 150 8.54 11.92 4.77
N ARG B 151 7.31 12.35 4.54
N ARG B 151 7.30 12.34 4.53
CA ARG B 151 6.08 11.69 4.97
CA ARG B 151 6.08 11.68 4.96
C ARG B 151 5.79 11.81 6.45
C ARG B 151 5.78 11.83 6.45
N ASP B 152 6.58 12.58 7.20
CA ASP B 152 6.29 12.81 8.62
C ASP B 152 6.67 14.23 9.02
N ILE B 153 6.36 15.22 8.16
CA ILE B 153 6.61 16.60 8.51
C ILE B 153 5.69 17.03 9.65
N LYS B 154 6.26 17.63 10.69
CA LYS B 154 5.54 18.06 11.88
C LYS B 154 6.54 18.80 12.76
N GLY B 155 6.03 19.54 13.75
CA GLY B 155 6.89 20.32 14.60
C GLY B 155 8.00 19.50 15.25
N ALA B 156 7.68 18.27 15.66
CA ALA B 156 8.66 17.44 16.36
C ALA B 156 9.80 16.99 15.46
N ASN B 157 9.65 17.09 14.13
CA ASN B 157 10.69 16.69 13.20
C ASN B 157 11.35 17.86 12.51
N ILE B 158 11.10 19.07 12.99
CA ILE B 158 11.79 20.27 12.53
C ILE B 158 12.68 20.72 13.68
N LEU B 159 13.98 20.59 13.49
CA LEU B 159 14.97 20.88 14.52
C LEU B 159 15.57 22.26 14.30
N ILE B 160 15.99 22.87 15.40
CA ILE B 160 16.54 24.21 15.42
C ILE B 160 17.92 24.13 16.07
N ASN B 161 18.93 24.66 15.38
CA ASN B 161 20.25 24.73 15.99
C ASN B 161 20.42 26.06 16.71
N ASP B 162 21.54 26.22 17.41
CA ASP B 162 21.75 27.41 18.24
C ASP B 162 21.80 28.70 17.41
N ALA B 163 21.97 28.61 16.10
CA ALA B 163 21.99 29.79 15.25
C ALA B 163 20.61 30.20 14.77
N GLY B 164 19.55 29.52 15.21
CA GLY B 164 18.23 29.82 14.71
C GLY B 164 17.94 29.26 13.35
N GLU B 165 18.74 28.31 12.89
CA GLU B 165 18.59 27.69 11.57
C GLU B 165 17.81 26.40 11.65
N VAL B 166 17.10 26.09 10.57
CA VAL B 166 16.04 25.09 10.54
C VAL B 166 16.53 23.86 9.80
N ARG B 167 16.36 22.68 10.40
CA ARG B 167 16.80 21.43 9.80
C ARG B 167 15.71 20.38 9.92
N LEU B 168 15.29 19.83 8.79
CA LEU B 168 14.40 18.68 8.77
C LEU B 168 15.13 17.44 9.27
N ALA B 169 14.41 16.58 10.00
CA ALA B 169 15.03 15.43 10.64
C ALA B 169 14.10 14.23 10.61
N ASP B 170 14.69 13.06 10.88
CA ASP B 170 13.99 11.81 11.14
C ASP B 170 13.35 11.23 9.88
N PHE B 171 14.14 10.51 9.10
CA PHE B 171 13.64 9.80 7.93
C PHE B 171 13.28 8.36 8.24
N GLY B 172 12.99 8.03 9.50
CA GLY B 172 12.61 6.68 9.84
C GLY B 172 11.33 6.24 9.16
N ILE B 173 10.34 7.13 9.11
CA ILE B 173 9.09 6.80 8.42
C ILE B 173 9.33 6.65 6.93
N SER B 174 10.11 7.57 6.34
CA SER B 174 10.43 7.47 4.91
C SER B 174 11.10 6.13 4.58
N ALA B 175 12.05 5.71 5.43
CA ALA B 175 12.69 4.42 5.21
C ALA B 175 11.69 3.28 5.36
N GLN B 176 10.82 3.35 6.36
CA GLN B 176 9.83 2.30 6.57
C GLN B 176 8.94 2.14 5.35
N ILE B 177 8.41 3.26 4.84
CA ILE B 177 7.51 3.19 3.68
C ILE B 177 8.23 2.61 2.48
N GLY B 178 9.45 3.09 2.21
CA GLY B 178 10.21 2.55 1.10
C GLY B 178 10.45 1.07 1.22
N ALA B 179 10.64 0.58 2.46
CA ALA B 179 10.83 -0.85 2.66
C ALA B 179 9.54 -1.63 2.45
N GLU B 180 8.42 -1.11 2.96
CA GLU B 180 7.13 -1.78 2.75
C GLU B 180 6.78 -1.81 1.26
N LEU B 181 7.08 -0.74 0.53
CA LEU B 181 6.81 -0.71 -0.89
C LEU B 181 7.64 -1.76 -1.63
N ALA B 182 8.90 -1.92 -1.24
CA ALA B 182 9.75 -2.90 -1.90
C ALA B 182 9.32 -4.32 -1.55
N ARG B 183 8.79 -4.53 -0.33
CA ARG B 183 8.38 -5.87 0.07
C ARG B 183 7.12 -6.31 -0.68
N ARG B 184 6.08 -5.47 -0.65
CA ARG B 184 4.88 -5.80 -1.41
C ARG B 184 5.18 -6.00 -2.89
N LEU B 185 6.15 -5.25 -3.42
CA LEU B 185 6.58 -5.46 -4.79
C LEU B 185 7.23 -6.83 -4.96
N GLU B 186 7.97 -7.28 -3.94
CA GLU B 186 8.64 -8.58 -4.04
C GLU B 186 7.64 -9.72 -4.14
N PHE B 187 6.51 -9.60 -3.44
CA PHE B 187 5.49 -10.64 -3.40
C PHE B 187 4.23 -10.25 -4.16
N ILE B 188 4.35 -9.34 -5.13
CA ILE B 188 3.17 -8.91 -5.88
C ILE B 188 2.66 -10.01 -6.79
N GLY B 189 3.54 -10.91 -7.22
CA GLY B 189 3.14 -11.95 -8.12
C GLY B 189 3.07 -11.47 -9.57
N THR B 190 2.57 -12.35 -10.42
CA THR B 190 2.57 -12.07 -11.83
C THR B 190 1.64 -10.88 -12.13
N PRO B 191 2.03 -10.01 -13.06
CA PRO B 191 1.28 -8.75 -13.27
C PRO B 191 0.39 -8.73 -14.51
N TYR B 192 0.36 -9.80 -15.30
CA TYR B 192 -0.21 -9.70 -16.63
C TYR B 192 -1.72 -9.47 -16.62
N TRP B 193 -2.40 -9.82 -15.54
CA TRP B 193 -3.84 -9.61 -15.42
C TRP B 193 -4.20 -8.37 -14.62
N MET B 194 -3.22 -7.60 -14.17
CA MET B 194 -3.47 -6.49 -13.26
C MET B 194 -3.90 -5.24 -14.01
N ALA B 195 -4.86 -4.53 -13.43
CA ALA B 195 -5.26 -3.24 -13.97
C ALA B 195 -4.15 -2.22 -13.79
N PRO B 196 -4.08 -1.22 -14.68
CA PRO B 196 -2.99 -0.23 -14.59
C PRO B 196 -2.97 0.54 -13.28
N GLU B 197 -4.14 0.80 -12.68
CA GLU B 197 -4.15 1.49 -11.40
C GLU B 197 -3.61 0.60 -10.28
N VAL B 198 -3.75 -0.72 -10.40
CA VAL B 198 -3.16 -1.62 -9.42
C VAL B 198 -1.65 -1.63 -9.58
N ALA B 199 -1.19 -1.68 -10.84
CA ALA B 199 0.25 -1.65 -11.09
C ALA B 199 0.86 -0.36 -10.57
N ALA B 200 0.16 0.77 -10.76
CA ALA B 200 0.70 2.06 -10.31
C ALA B 200 0.84 2.09 -8.79
N VAL B 201 -0.14 1.54 -8.07
CA VAL B 201 -0.04 1.50 -6.61
C VAL B 201 1.13 0.61 -6.18
N ALA B 202 1.35 -0.49 -6.91
CA ALA B 202 2.42 -1.40 -6.58
C ALA B 202 3.79 -0.74 -6.77
N LEU B 203 3.96 0.00 -7.85
CA LEU B 203 5.25 0.62 -8.13
C LEU B 203 5.44 1.95 -7.41
N LYS B 204 4.37 2.72 -7.24
CA LYS B 204 4.49 4.10 -6.79
C LYS B 204 3.78 4.40 -5.48
N GLY B 205 2.94 3.49 -4.96
CA GLY B 205 2.41 3.57 -3.62
C GLY B 205 1.05 4.22 -3.46
N GLY B 206 0.52 4.87 -4.50
CA GLY B 206 -0.80 5.46 -4.42
C GLY B 206 -0.84 6.92 -4.01
N TYR B 207 0.30 7.51 -3.67
CA TYR B 207 0.36 8.95 -3.45
C TYR B 207 1.76 9.41 -3.83
N ASN B 208 2.02 10.71 -3.69
CA ASN B 208 3.29 11.26 -4.13
C ASN B 208 3.77 12.30 -3.12
N GLU B 209 4.85 13.00 -3.50
CA GLU B 209 5.56 13.89 -2.60
C GLU B 209 4.70 15.06 -2.13
N LEU B 210 3.60 15.36 -2.81
CA LEU B 210 2.77 16.48 -2.40
C LEU B 210 2.11 16.24 -1.05
N CYS B 211 2.14 15.02 -0.52
CA CYS B 211 1.68 14.80 0.85
C CYS B 211 2.48 15.65 1.82
N ASP B 212 3.77 15.86 1.55
CA ASP B 212 4.60 16.68 2.43
C ASP B 212 4.15 18.13 2.46
N ILE B 213 3.60 18.62 1.35
CA ILE B 213 3.11 20.00 1.32
C ILE B 213 1.91 20.15 2.25
N TRP B 214 1.00 19.17 2.22
CA TRP B 214 -0.11 19.18 3.17
C TRP B 214 0.40 19.18 4.61
N SER B 215 1.33 18.28 4.92
CA SER B 215 1.82 18.17 6.30
C SER B 215 2.45 19.48 6.75
N LEU B 216 3.11 20.20 5.85
CA LEU B 216 3.66 21.50 6.22
C LEU B 216 2.54 22.49 6.56
N GLY B 217 1.44 22.47 5.83
CA GLY B 217 0.33 23.34 6.17
C GLY B 217 -0.24 23.05 7.55
N ILE B 218 -0.40 21.76 7.88
CA ILE B 218 -0.82 21.40 9.23
C ILE B 218 0.20 21.88 10.25
N THR B 219 1.49 21.71 9.95
CA THR B 219 2.55 22.14 10.86
C THR B 219 2.49 23.64 11.12
N ALA B 220 2.20 24.43 10.09
CA ALA B 220 2.08 25.87 10.31
C ALA B 220 0.96 26.18 11.29
N ILE B 221 -0.16 25.47 11.19
CA ILE B 221 -1.22 25.62 12.17
C ILE B 221 -0.75 25.18 13.53
N GLU B 222 -0.02 24.05 13.59
CA GLU B 222 0.54 23.57 14.86
C GLU B 222 1.42 24.64 15.51
N LEU B 223 2.27 25.30 14.72
CA LEU B 223 3.15 26.32 15.29
C LEU B 223 2.35 27.55 15.74
N ALA B 224 1.20 27.78 15.11
CA ALA B 224 0.36 28.92 15.44
C ALA B 224 -0.55 28.65 16.63
N GLU B 225 -0.92 27.40 16.85
CA GLU B 225 -1.97 27.07 17.82
C GLU B 225 -1.55 26.06 18.87
N LEU B 226 -0.34 25.51 18.78
CA LEU B 226 0.26 24.57 19.73
C LEU B 226 -0.32 23.17 19.59
N GLN B 227 -1.23 22.95 18.65
CA GLN B 227 -1.80 21.63 18.38
C GLN B 227 -2.17 21.61 16.91
N PRO B 228 -2.09 20.46 16.25
CA PRO B 228 -2.68 20.34 14.92
C PRO B 228 -4.20 20.40 15.02
N PRO B 229 -4.89 20.77 13.95
CA PRO B 229 -6.35 20.70 13.98
C PRO B 229 -6.83 19.29 14.31
N LEU B 230 -7.96 19.23 15.00
CA LEU B 230 -8.61 17.99 15.38
C LEU B 230 -7.81 17.18 16.40
N PHE B 231 -6.82 17.80 17.04
CA PHE B 231 -5.98 17.10 18.01
C PHE B 231 -6.80 16.44 19.11
N ASP B 232 -7.97 16.98 19.42
CA ASP B 232 -8.81 16.48 20.51
C ASP B 232 -9.90 15.54 20.00
N VAL B 233 -9.80 15.09 18.75
CA VAL B 233 -10.71 14.12 18.17
C VAL B 233 -9.99 12.78 18.08
N HIS B 234 -10.72 11.71 18.39
CA HIS B 234 -10.12 10.37 18.37
C HIS B 234 -9.46 10.11 17.02
N PRO B 235 -8.24 9.58 16.98
CA PRO B 235 -7.53 9.48 15.69
C PRO B 235 -8.25 8.62 14.66
N LEU B 236 -8.91 7.55 15.08
CA LEU B 236 -9.65 6.72 14.13
C LEU B 236 -10.82 7.49 13.53
N ARG B 237 -11.43 8.39 14.31
CA ARG B 237 -12.47 9.25 13.75
C ARG B 237 -11.88 10.19 12.71
N VAL B 238 -10.69 10.73 12.97
CA VAL B 238 -10.07 11.66 12.02
C VAL B 238 -9.74 10.94 10.73
N LEU B 239 -9.16 9.74 10.82
CA LEU B 239 -8.90 8.96 9.61
C LEU B 239 -10.18 8.71 8.84
N PHE B 240 -11.25 8.34 9.55
CA PHE B 240 -12.55 8.12 8.90
C PHE B 240 -13.03 9.38 8.20
N LEU B 241 -12.94 10.54 8.88
CA LEU B 241 -13.44 11.78 8.28
C LEU B 241 -12.65 12.16 7.04
N MET B 242 -11.33 11.93 7.05
CA MET B 242 -10.50 12.38 5.94
C MET B 242 -10.85 11.66 4.64
N THR B 243 -11.28 10.41 4.72
CA THR B 243 -11.57 9.63 3.53
C THR B 243 -12.98 9.84 3.00
N LYS B 244 -13.80 10.62 3.69
CA LYS B 244 -15.14 10.93 3.19
C LYS B 244 -15.05 11.85 1.99
N SER B 245 -15.98 11.70 1.06
CA SER B 245 -15.93 12.49 -0.18
C SER B 245 -16.00 13.98 0.09
N GLY B 246 -16.59 14.39 1.22
CA GLY B 246 -16.80 15.79 1.49
C GLY B 246 -15.90 16.38 2.57
N TYR B 247 -14.76 15.75 2.85
CA TYR B 247 -13.87 16.26 3.88
C TYR B 247 -13.44 17.68 3.53
N GLN B 248 -13.48 18.56 4.51
CA GLN B 248 -13.03 19.93 4.32
C GLN B 248 -11.67 20.11 4.97
N PRO B 249 -10.67 20.62 4.27
CA PRO B 249 -9.38 20.85 4.91
C PRO B 249 -9.55 21.80 6.09
N PRO B 250 -8.72 21.65 7.12
CA PRO B 250 -8.82 22.56 8.27
C PRO B 250 -8.31 23.96 7.93
N ARG B 251 -8.55 24.86 8.88
CA ARG B 251 -8.19 26.26 8.77
C ARG B 251 -7.64 26.73 10.12
N LEU B 252 -7.00 27.90 10.10
CA LEU B 252 -6.66 28.56 11.35
C LEU B 252 -7.93 28.95 12.09
N LYS B 253 -7.96 28.70 13.39
CA LYS B 253 -9.20 28.90 14.13
C LYS B 253 -9.42 30.36 14.51
N GLU B 254 -8.35 31.13 14.71
CA GLU B 254 -8.46 32.53 15.16
C GLU B 254 -8.21 33.44 13.96
N LYS B 255 -9.28 33.88 13.32
CA LYS B 255 -9.14 34.50 12.00
C LYS B 255 -8.40 35.82 12.08
N GLY B 256 -8.83 36.70 13.00
CA GLY B 256 -8.28 38.05 13.05
C GLY B 256 -6.82 38.13 13.44
N LYS B 257 -6.26 37.06 14.01
CA LYS B 257 -4.88 37.09 14.48
C LYS B 257 -3.87 37.01 13.34
N TRP B 258 -4.30 36.55 12.17
CA TRP B 258 -3.40 36.17 11.09
C TRP B 258 -3.75 36.93 9.83
N SER B 259 -2.71 37.23 9.04
CA SER B 259 -2.91 38.00 7.83
C SER B 259 -3.57 37.16 6.74
N ALA B 260 -4.13 37.84 5.74
CA ALA B 260 -4.74 37.13 4.62
C ALA B 260 -3.73 36.24 3.90
N ALA B 261 -2.46 36.65 3.87
CA ALA B 261 -1.43 35.85 3.23
C ALA B 261 -1.20 34.53 3.98
N PHE B 262 -1.24 34.56 5.31
CA PHE B 262 -1.12 33.32 6.07
C PHE B 262 -2.32 32.43 5.85
N HIS B 263 -3.54 33.00 5.91
CA HIS B 263 -4.73 32.19 5.64
C HIS B 263 -4.68 31.57 4.25
N ASN B 264 -4.19 32.33 3.26
CA ASN B 264 -4.12 31.79 1.91
C ASN B 264 -3.04 30.72 1.78
N PHE B 265 -1.91 30.92 2.47
CA PHE B 265 -0.88 29.88 2.49
C PHE B 265 -1.44 28.58 3.05
N ILE B 266 -2.23 28.66 4.11
CA ILE B 266 -2.88 27.47 4.65
C ILE B 266 -3.83 26.88 3.63
N LYS B 267 -4.62 27.72 2.96
CA LYS B 267 -5.59 27.20 2.01
C LYS B 267 -4.90 26.44 0.89
N VAL B 268 -3.78 26.96 0.40
N VAL B 268 -3.78 26.95 0.39
CA VAL B 268 -3.12 26.41 -0.78
CA VAL B 268 -3.19 26.33 -0.81
C VAL B 268 -2.35 25.15 -0.43
C VAL B 268 -2.35 25.11 -0.43
N THR B 269 -1.63 25.15 0.68
CA THR B 269 -0.89 23.95 1.09
C THR B 269 -1.84 22.84 1.44
N LEU B 270 -3.01 23.16 1.99
CA LEU B 270 -4.02 22.16 2.32
C LEU B 270 -5.03 21.98 1.19
N THR B 271 -4.59 22.10 -0.06
CA THR B 271 -5.47 21.76 -1.18
C THR B 271 -5.79 20.27 -1.10
N LYS B 272 -7.09 19.96 -1.09
CA LYS B 272 -7.50 18.57 -0.88
C LYS B 272 -7.00 17.67 -2.00
N SER B 273 -7.25 18.05 -3.24
CA SER B 273 -6.87 17.23 -4.37
C SER B 273 -5.35 17.25 -4.55
N PRO B 274 -4.67 16.08 -4.55
CA PRO B 274 -3.23 16.09 -4.81
C PRO B 274 -2.88 16.62 -6.19
N LYS B 275 -3.80 16.54 -7.15
CA LYS B 275 -3.52 17.01 -8.50
C LYS B 275 -3.51 18.53 -8.61
N LYS B 276 -3.99 19.25 -7.58
CA LYS B 276 -4.00 20.69 -7.59
C LYS B 276 -3.09 21.31 -6.52
N ARG B 277 -2.55 20.50 -5.62
CA ARG B 277 -1.69 21.04 -4.56
C ARG B 277 -0.35 21.46 -5.14
N PRO B 278 0.12 22.68 -4.86
CA PRO B 278 1.37 23.14 -5.48
C PRO B 278 2.60 22.43 -4.93
N SER B 279 3.59 22.31 -5.79
CA SER B 279 4.88 21.75 -5.40
C SER B 279 5.58 22.65 -4.39
N ALA B 280 6.64 22.11 -3.77
CA ALA B 280 7.45 22.90 -2.86
C ALA B 280 8.06 24.11 -3.57
N THR B 281 8.60 23.90 -4.78
CA THR B 281 9.17 25.03 -5.51
C THR B 281 8.12 26.10 -5.81
N LYS B 282 6.92 25.69 -6.19
CA LYS B 282 5.86 26.67 -6.44
C LYS B 282 5.50 27.40 -5.15
N MET B 283 5.40 26.67 -4.03
CA MET B 283 5.04 27.31 -2.78
C MET B 283 6.08 28.34 -2.36
N LEU B 284 7.34 28.15 -2.76
CA LEU B 284 8.39 29.10 -2.39
C LEU B 284 8.17 30.47 -2.99
N SER B 285 7.29 30.59 -3.99
CA SER B 285 6.96 31.88 -4.58
C SER B 285 5.75 32.53 -3.91
N HIS B 286 5.12 31.85 -2.95
CA HIS B 286 3.95 32.39 -2.27
C HIS B 286 4.33 33.62 -1.45
N GLN B 287 3.40 34.57 -1.37
CA GLN B 287 3.67 35.83 -0.69
C GLN B 287 4.20 35.62 0.72
N LEU B 288 3.62 34.68 1.47
CA LEU B 288 3.97 34.53 2.88
C LEU B 288 5.46 34.23 3.05
N VAL B 289 6.02 33.37 2.21
CA VAL B 289 7.39 32.91 2.38
C VAL B 289 8.38 33.64 1.50
N SER B 290 7.90 34.51 0.61
CA SER B 290 8.77 35.34 -0.22
C SER B 290 8.85 36.78 0.28
N GLN B 291 8.14 37.11 1.35
CA GLN B 291 8.12 38.48 1.84
C GLN B 291 9.49 38.85 2.43
N PRO B 292 9.79 40.15 2.50
CA PRO B 292 11.03 40.58 3.13
C PRO B 292 11.00 40.39 4.64
N GLY B 293 12.19 40.32 5.23
CA GLY B 293 12.33 40.26 6.66
C GLY B 293 12.31 38.87 7.27
N LEU B 294 12.37 37.83 6.45
CA LEU B 294 12.42 36.45 6.94
C LEU B 294 13.88 36.04 7.06
N ASN B 295 14.34 35.88 8.29
CA ASN B 295 15.74 35.54 8.53
C ASN B 295 15.86 34.81 9.86
N ARG B 296 17.02 34.17 10.06
CA ARG B 296 17.25 33.42 11.29
C ARG B 296 17.16 34.29 12.53
N GLY B 297 17.34 35.61 12.40
CA GLY B 297 17.16 36.48 13.54
C GLY B 297 15.82 36.30 14.21
N LEU B 298 14.79 35.97 13.41
CA LEU B 298 13.48 35.70 13.98
C LEU B 298 13.52 34.53 14.95
N ILE B 299 14.29 33.49 14.62
CA ILE B 299 14.34 32.32 15.50
C ILE B 299 15.32 32.56 16.64
N LEU B 300 16.35 33.37 16.42
CA LEU B 300 17.18 33.76 17.57
C LEU B 300 16.37 34.53 18.59
N ASP B 301 15.42 35.36 18.14
CA ASP B 301 14.50 35.99 19.07
C ASP B 301 13.69 34.94 19.81
N LEU B 302 13.22 33.91 19.11
CA LEU B 302 12.48 32.84 19.76
C LEU B 302 13.33 32.16 20.81
N LEU B 303 14.60 31.88 20.50
CA LEU B 303 15.48 31.20 21.44
C LEU B 303 15.84 32.11 22.61
N ASP B 304 16.00 33.42 22.35
CA ASP B 304 16.17 34.36 23.44
C ASP B 304 14.97 34.32 24.38
N LYS B 305 13.76 34.24 23.80
CA LYS B 305 12.56 34.08 24.62
C LYS B 305 12.57 32.75 25.36
N LEU B 306 12.98 31.68 24.69
CA LEU B 306 13.10 30.39 25.36
C LEU B 306 14.03 30.49 26.56
N LYS B 307 15.14 31.21 26.41
CA LYS B 307 16.10 31.32 27.50
C LYS B 307 15.51 32.08 28.68
N ASN B 308 14.78 33.16 28.42
CA ASN B 308 14.25 33.99 29.51
C ASN B 308 13.01 33.32 30.12
O1 MES C . -3.86 -28.33 -29.60
C2 MES C . -3.00 -27.36 -30.15
C3 MES C . -1.96 -26.90 -29.14
N4 MES C . -2.62 -26.41 -27.91
C5 MES C . -3.56 -27.44 -27.38
C6 MES C . -4.54 -27.81 -28.49
C7 MES C . -1.62 -25.98 -26.87
C8 MES C . -2.30 -25.22 -25.75
S MES C . -1.06 -24.39 -24.72
O1S MES C . -0.37 -23.43 -25.61
O2S MES C . -0.22 -25.49 -24.20
O3S MES C . -1.85 -23.69 -23.68
H21 MES C . -2.55 -27.73 -30.93
H22 MES C . -3.52 -26.61 -30.45
H31 MES C . -1.38 -27.63 -28.89
H32 MES C . -1.42 -26.18 -29.49
HN4 MES C . -3.08 -25.68 -28.14
H51 MES C . -3.03 -28.20 -27.10
H52 MES C . -4.01 -27.05 -26.61
H61 MES C . -5.16 -28.47 -28.15
H62 MES C . -5.05 -27.02 -28.74
H71 MES C . -1.20 -26.79 -26.55
H72 MES C . -0.96 -25.44 -27.33
H81 MES C . -2.80 -25.82 -25.18
H82 MES C . -2.90 -24.55 -26.10
O1 MES D . -4.93 -40.25 0.92
C2 MES D . -3.70 -39.68 0.56
C3 MES D . -3.77 -38.98 -0.79
N4 MES D . -4.19 -39.98 -1.82
C5 MES D . -5.50 -40.56 -1.43
C6 MES D . -5.37 -41.18 -0.04
C7 MES D . -4.19 -39.38 -3.19
C8 MES D . -4.19 -40.45 -4.25
S MES D . -3.16 -39.93 -5.65
O1S MES D . -3.22 -41.05 -6.60
O2S MES D . -1.84 -39.67 -5.06
O3S MES D . -3.82 -38.70 -6.15
H21 MES D . -3.02 -40.36 0.54
H22 MES D . -3.46 -39.03 1.23
H31 MES D . -4.42 -38.27 -0.81
H32 MES D . -2.91 -38.63 -1.06
HN4 MES D . -3.57 -40.63 -1.84
H51 MES D . -6.15 -39.83 -1.44
H52 MES D . -5.74 -41.21 -2.09
H61 MES D . -6.25 -41.54 0.21
H62 MES D . -4.75 -41.92 -0.09
H71 MES D . -3.41 -38.81 -3.25
H72 MES D . -4.99 -38.83 -3.25
H81 MES D . -3.81 -41.29 -3.92
H82 MES D . -5.08 -40.63 -4.58
C1 EDO E . -20.82 -2.36 -6.56
O1 EDO E . -21.60 -3.50 -6.32
C2 EDO E . -21.18 -1.81 -7.93
O2 EDO E . -20.62 -0.53 -8.09
H11 EDO E . -20.98 -1.67 -5.90
H12 EDO E . -19.88 -2.55 -6.54
HO1 EDO E . -21.55 -3.68 -5.49
H21 EDO E . -22.14 -1.80 -8.00
H22 EDO E . -20.85 -2.44 -8.59
HO2 EDO E . -20.85 -0.22 -8.84
C1 EDO F . -15.96 -14.72 -36.58
O1 EDO F . -15.50 -14.26 -37.84
C2 EDO F . -17.03 -13.79 -36.06
O2 EDO F . -16.93 -12.54 -36.70
H11 EDO F . -16.32 -15.61 -36.64
H12 EDO F . -15.24 -14.74 -35.93
HO1 EDO F . -14.92 -14.81 -38.12
H21 EDO F . -16.93 -13.73 -35.10
H22 EDO F . -17.89 -14.22 -36.23
HO2 EDO F . -17.53 -12.03 -36.37
C1 EDO G . -10.84 6.65 -8.94
O1 EDO G . -11.03 5.29 -9.25
C2 EDO G . -11.75 7.03 -7.81
O2 EDO G . -13.09 6.70 -8.14
H11 EDO G . -9.92 6.82 -8.68
H12 EDO G . -11.03 7.21 -9.70
HO1 EDO G . -10.46 5.07 -9.84
H21 EDO G . -11.44 6.57 -7.01
H22 EDO G . -11.64 7.98 -7.65
HO2 EDO G . -13.59 6.96 -7.49
C1 EDO H . -8.63 3.90 -2.48
C1 EDO H . -8.52 5.11 -5.01
O1 EDO H . -8.38 5.26 -2.20
O1 EDO H . -8.48 6.44 -4.54
C2 EDO H . -10.10 3.66 -2.71
C2 EDO H . -9.81 4.87 -5.75
O2 EDO H . -10.38 3.83 -4.09
O2 EDO H . -10.18 3.51 -5.63
H11 EDO H . -8.14 3.60 -3.26
H11 EDO H . -8.45 4.48 -4.29
H12 EDO H . -8.34 3.34 -1.74
H12 EDO H . -7.78 4.93 -5.62
HO1 EDO H . -8.66 5.72 -2.86
HO1 EDO H . -7.73 6.56 -4.16
H21 EDO H . -10.60 4.26 -2.15
H21 EDO H . -10.49 5.46 -5.36
H22 EDO H . -10.29 2.75 -2.40
H22 EDO H . -9.69 5.15 -6.67
HO2 EDO H . -9.94 3.25 -4.52
HO2 EDO H . -10.89 3.38 -6.07
C1 EDO I . -20.43 -31.33 2.52
O1 EDO I . -20.08 -32.68 2.63
C2 EDO I . -21.79 -31.21 1.86
O2 EDO I . -21.84 -32.08 0.75
H11 EDO I . -19.79 -30.83 1.99
H12 EDO I . -20.47 -30.90 3.38
HO1 EDO I . -19.24 -32.74 2.51
H21 EDO I . -21.91 -30.27 1.61
H22 EDO I . -22.46 -31.42 2.52
HO2 EDO I . -22.59 -31.97 0.37
C1 EDO J . -20.20 -16.10 -33.15
O1 EDO J . -19.85 -17.36 -32.63
C2 EDO J . -20.65 -15.19 -32.04
O2 EDO J . -22.04 -15.31 -31.83
H11 EDO J . -19.45 -15.69 -33.61
H12 EDO J . -20.91 -16.18 -33.80
HO1 EDO J . -19.58 -17.85 -33.26
H21 EDO J . -20.13 -15.43 -31.25
H22 EDO J . -20.39 -14.29 -32.29
HO2 EDO J . -22.26 -14.75 -31.22
C1 EDO K . -18.75 3.22 -16.75
O1 EDO K . -18.37 3.24 -18.11
C2 EDO K . -18.46 4.56 -16.10
O2 EDO K . -19.30 5.55 -16.64
H11 EDO K . -18.27 2.53 -16.27
H12 EDO K . -19.69 3.02 -16.66
HO1 EDO K . -18.56 2.49 -18.45
H21 EDO K . -17.53 4.75 -16.23
H22 EDO K . -18.60 4.44 -15.15
HO2 EDO K . -19.10 6.29 -16.28
C1 EDO L . -10.91 -40.49 -7.40
O1 EDO L . -12.31 -40.39 -7.31
C2 EDO L . -10.48 -41.91 -7.13
O2 EDO L . -11.46 -42.80 -7.66
H11 EDO L . -10.48 -39.91 -6.76
H12 EDO L . -10.60 -40.22 -8.28
HO1 EDO L . -12.56 -40.68 -6.55
H21 EDO L . -10.37 -42.02 -6.18
H22 EDO L . -9.61 -42.04 -7.55
HO2 EDO L . -11.21 -43.59 -7.47
C1 EDO M . -8.71 -30.52 -16.21
O1 EDO M . -9.80 -30.85 -17.05
C2 EDO M . -8.56 -31.56 -15.13
O2 EDO M . -7.21 -31.67 -14.76
H11 EDO M . -8.82 -29.65 -15.79
H12 EDO M . -7.88 -30.49 -16.72
HO1 EDO M . -9.84 -30.26 -17.66
H21 EDO M . -9.13 -31.29 -14.39
H22 EDO M . -8.93 -32.40 -15.47
HO2 EDO M . -7.14 -32.28 -14.17
C4 A1BW4 N . -9.98 -25.68 -3.42
C5 A1BW4 N . -10.56 -25.63 -4.89
C6 A1BW4 N . -9.95 -24.57 -5.49
C7 A1BW4 N . -11.76 -26.16 -4.11
C10 A1BW4 N . -10.67 -26.49 -6.20
C13 A1BW4 N . -11.51 -28.20 -8.25
C15 A1BW4 N . -9.26 -28.34 -9.21
C17 A1BW4 N . -7.48 -28.03 -10.86
C20 A1BW4 N . -9.32 -29.68 -9.60
C21 A1BW4 N . -8.60 -31.58 -10.91
C22 A1BW4 N . -9.87 -32.11 -11.13
C24 A1BW4 N . -8.89 -34.27 -11.48
C26 A1BW4 N . -7.49 -32.45 -10.98
C28 A1BW4 N . -6.52 -34.64 -11.34
C1 A1BW4 N . -7.84 -23.18 -4.71
C11 A1BW4 N . -9.71 -27.01 -7.13
C12 A1BW4 N . -10.15 -27.84 -8.20
C16 A1BW4 N . -8.33 -27.50 -9.86
C18 A1BW4 N . -7.56 -29.38 -11.22
C19 A1BW4 N . -8.48 -30.21 -10.59
C2 A1BW4 N . -9.26 -23.62 -4.26
C23 A1BW4 N . -10.02 -33.46 -11.42
C3 A1BW4 N . -9.13 -24.34 -3.17
C30 A1BW4 N . -10.08 -22.39 -3.75
C9 A1BW4 N . -11.99 -26.93 -6.31
N14 A1BW4 N . -12.37 -27.75 -7.33
N25 A1BW4 N . -7.68 -33.75 -11.26
N32 A1BW4 N . -9.37 -21.43 -2.93
N8 A1BW4 N . -12.76 -26.33 -5.18
O27 A1BW4 N . -6.37 -32.06 -10.79
O31 A1BW4 N . -11.23 -22.24 -3.99
CL29 A1BW4 N . -7.98 -26.55 -7.01
H42 A1BW4 N . -10.80 -25.74 -2.71
H41 A1BW4 N . -9.31 -26.55 -3.32
H62 A1BW4 N . -9.18 -24.93 -6.16
H61 A1BW4 N . -10.69 -23.98 -6.03
H72 A1BW4 N . -12.09 -25.43 -3.37
H71 A1BW4 N . -11.53 -27.11 -3.63
H131 A1BW4 N . -11.86 -28.86 -9.05
H171 A1BW4 N . -6.76 -27.38 -11.34
H201 A1BW4 N . -10.05 -30.33 -9.12
H221 A1BW4 N . -10.76 -31.45 -11.07
H241 A1BW4 N . -9.00 -35.32 -11.70
H281 A1BW4 N . -6.56 -35.22 -12.26
H282 A1BW4 N . -6.53 -35.32 -10.49
H283 A1BW4 N . -5.60 -34.05 -11.33
H12 A1BW4 N . -7.29 -22.80 -3.86
H13 A1BW4 N . -7.32 -24.05 -5.12
H11 A1BW4 N . -7.93 -22.41 -5.47
H161 A1BW4 N . -8.27 -26.45 -9.60
H181 A1BW4 N . -6.91 -29.78 -12.00
H231 A1BW4 N . -11.01 -33.88 -11.60
H31 A1BW4 N . -9.54 -23.80 -2.31
H32 A1BW4 N . -8.08 -24.59 -3.00
H321 A1BW4 N . -9.87 -20.63 -2.59
H322 A1BW4 N . -8.39 -21.55 -2.72
H81 A1BW4 N . -13.74 -26.09 -5.16
O1 MES O . 0.73 6.28 -7.04
C2 MES O . 1.42 7.48 -7.21
C3 MES O . 0.48 8.68 -7.22
N4 MES O . -0.59 8.51 -8.25
C5 MES O . -1.27 7.20 -8.06
C6 MES O . -0.22 6.10 -8.05
C7 MES O . -1.52 9.68 -8.23
C8 MES O . -0.97 10.86 -8.99
S MES O . -2.05 12.31 -8.85
O1S MES O . -1.28 13.41 -9.47
O2S MES O . -2.29 12.51 -7.40
O3S MES O . -3.27 11.97 -9.60
H21 MES O . 1.92 7.45 -8.05
H22 MES O . 2.07 7.59 -6.50
H31 MES O . 0.96 9.50 -7.44
H32 MES O . 0.04 8.79 -6.37
HN4 MES O . -0.20 8.50 -9.05
H51 MES O . -1.75 7.24 -7.22
H52 MES O . -1.91 7.10 -8.79
H61 MES O . 0.22 6.07 -8.92
H62 MES O . -0.67 5.24 -7.93
H71 MES O . -1.67 9.90 -7.29
H72 MES O . -2.36 9.38 -8.61
H81 MES O . -0.09 11.12 -8.64
H82 MES O . -0.87 10.66 -9.93
C1 EDO P . -10.35 24.22 12.17
O1 EDO P . -10.68 23.85 10.86
C2 EDO P . -10.97 25.55 12.49
O2 EDO P . -12.38 25.44 12.35
H11 EDO P . -10.66 23.57 12.82
H12 EDO P . -9.39 24.29 12.28
HO1 EDO P . -10.35 23.09 10.71
H21 EDO P . -10.60 26.21 11.89
H22 EDO P . -10.70 25.81 13.39
HO2 EDO P . -12.65 26.05 11.83
C1 EDO Q . 12.36 6.92 0.51
O1 EDO Q . 11.26 6.36 1.19
C2 EDO Q . 11.94 8.20 -0.18
O2 EDO Q . 10.53 8.22 -0.38
H11 EDO Q . 12.71 6.32 -0.15
H12 EDO Q . 13.08 7.12 1.12
HO1 EDO Q . 11.48 5.58 1.46
H21 EDO Q . 12.42 8.26 -1.01
H22 EDO Q . 12.23 8.94 0.38
HO2 EDO Q . 10.35 8.83 -0.95
C1 EDO R . 4.61 5.53 -0.94
O1 EDO R . 5.76 4.76 -1.18
C2 EDO R . 4.63 6.75 -1.81
O2 EDO R . 3.48 6.77 -2.63
H11 EDO R . 4.56 5.80 -0.02
H12 EDO R . 3.80 5.02 -1.12
HO1 EDO R . 5.72 4.06 -0.70
H21 EDO R . 5.45 6.72 -2.33
H22 EDO R . 4.69 7.52 -1.24
HO2 EDO R . 3.71 7.04 -3.41
C1 EDO S . -13.98 24.85 4.93
O1 EDO S . -14.80 24.05 5.75
C2 EDO S . -14.01 24.34 3.51
O2 EDO S . -13.34 25.23 2.63
H11 EDO S . -13.07 24.85 5.25
H12 EDO S . -14.29 25.78 4.94
HO1 EDO S . -14.60 24.21 6.56
H21 EDO S . -14.94 24.21 3.27
H22 EDO S . -13.60 23.46 3.52
HO2 EDO S . -12.55 24.95 2.53
C1 EDO T . 19.93 28.62 4.84
O1 EDO T . 20.11 27.41 4.15
C2 EDO T . 18.75 29.36 4.25
O2 EDO T . 18.24 30.28 5.19
H11 EDO T . 19.77 28.48 5.79
H12 EDO T . 20.72 29.19 4.78
HO1 EDO T . 20.77 27.00 4.50
H21 EDO T . 19.05 29.79 3.44
H22 EDO T . 18.09 28.70 4.00
HO2 EDO T . 17.56 30.66 4.84
C1 EDO U . 6.51 11.10 16.25
O1 EDO U . 6.23 12.48 16.35
C2 EDO U . 6.66 10.70 14.80
O2 EDO U . 5.42 10.82 14.13
H11 EDO U . 5.79 10.57 16.64
H12 EDO U . 7.31 10.87 16.73
HO1 EDO U . 5.98 12.64 17.15
H21 EDO U . 7.35 11.25 14.42
H22 EDO U . 7.01 9.79 14.79
HO2 EDO U . 5.50 10.45 13.38
C1 EDO V . 20.56 12.05 32.04
O1 EDO V . 21.51 11.51 32.93
C2 EDO V . 21.13 12.08 30.64
O2 EDO V . 21.52 13.39 30.31
H11 EDO V . 19.74 11.53 32.04
H12 EDO V . 20.31 12.95 32.31
HO1 EDO V . 21.20 11.53 33.72
H21 EDO V . 21.86 11.45 30.61
H22 EDO V . 20.44 11.74 30.05
HO2 EDO V . 22.17 13.35 29.75
C4 A1BW4 W . 19.31 12.26 15.66
C5 A1BW4 W . 18.88 13.79 15.76
C6 A1BW4 W . 17.58 13.81 15.38
C7 A1BW4 W . 20.33 13.94 15.34
C10 A1BW4 W . 18.69 15.00 16.72
C13 A1BW4 W . 19.01 17.42 18.10
C15 A1BW4 W . 17.23 16.88 19.67
C17 A1BW4 W . 15.08 17.13 20.77
C20 A1BW4 W . 17.84 17.42 20.80
C21 A1BW4 W . 17.77 18.34 23.03
C22 A1BW4 W . 18.66 19.39 22.79
C24 A1BW4 W . 19.17 19.45 25.13
C26 A1BW4 W . 17.62 17.88 24.35
C28 A1BW4 W . 18.16 17.96 26.71
C1 A1BW4 W . 15.68 12.00 15.09
C11 A1BW4 W . 17.88 15.27 17.88
C12 A1BW4 W . 18.02 16.51 18.55
C16 A1BW4 W . 15.83 16.75 19.66
C18 A1BW4 W . 15.71 17.66 21.92
C19 A1BW4 W . 17.10 17.80 21.92
C2 A1BW4 W . 17.17 12.27 14.78
C23 A1BW4 W . 19.37 19.95 23.84
C3 A1BW4 W . 17.94 11.43 15.45
C30 A1BW4 W . 17.45 12.04 13.28
C9 A1BW4 W . 19.66 15.97 16.38
N14 A1BW4 W . 19.78 17.13 17.06
N25 A1BW4 W . 18.32 18.45 25.33
N32 A1BW4 W . 16.88 10.84 12.67
N8 A1BW4 W . 20.42 15.42 15.20
O27 A1BW4 W . 16.87 16.98 24.62
O31 A1BW4 W . 18.11 12.79 12.64
CL29 A1BW4 W . 16.67 14.06 18.42
H42 A1BW4 W . 19.81 11.96 16.58
H41 A1BW4 W . 19.98 12.12 14.80
H62 A1BW4 W . 17.44 14.56 14.59
H61 A1BW4 W . 16.95 14.05 16.24
H72 A1BW4 W . 21.00 13.58 16.12
H71 A1BW4 W . 20.53 13.44 14.40
H131 A1BW4 W . 19.13 18.37 18.62
H171 A1BW4 W . 14.00 17.01 20.76
H201 A1BW4 W . 18.92 17.55 20.81
H221 A1BW4 W . 18.79 19.76 21.77
H241 A1BW4 W . 19.73 19.87 25.96
H281 A1BW4 W . 18.00 18.81 27.38
H282 A1BW4 W . 19.05 17.42 27.01
H283 A1BW4 W . 17.30 17.30 26.76
H12 A1BW4 W . 15.44 12.35 16.10
H13 A1BW4 W . 15.49 10.93 15.01
H11 A1BW4 W . 15.06 12.53 14.37
H161 A1BW4 W . 15.33 16.36 18.78
H181 A1BW4 W . 15.11 17.96 22.78
H231 A1BW4 W . 20.06 20.77 23.68
H31 A1BW4 W . 17.50 11.18 16.41
H32 A1BW4 W . 18.13 10.53 14.86
H321 A1BW4 W . 16.32 10.19 13.19
H322 A1BW4 W . 17.06 10.67 11.69
H81 A1BW4 W . 20.88 15.94 14.48
NA NA X . 10.06 11.61 14.90
#